data_4DTW
#
_entry.id   4DTW
#
_cell.length_a   58.606
_cell.length_b   146.249
_cell.length_c   64.064
_cell.angle_alpha   90.000
_cell.angle_beta   97.510
_cell.angle_gamma   90.000
#
_symmetry.space_group_name_H-M   'P 1 21 1'
#
loop_
_entity.id
_entity.type
_entity.pdbx_description
1 polymer 'Cytochrome P450 BM3 variant 8C8'
2 non-polymer 'PROTOPORPHYRIN IX CONTAINING FE'
3 non-polymer SEROTONIN
4 non-polymer 'MAGNESIUM ION'
5 water water
#
_entity_poly.entity_id   1
_entity_poly.type   'polypeptide(L)'
_entity_poly.pdbx_seq_one_letter_code
;TIKEMPQPKTFGELKNLPLLNTDKPVQALMKIADELGEIFKFEAPGRVTRYLSSQRLIKEACDESRFDKNLSQAPKFVRD
FAGDGLFTSWTHEKNWKKAHNILLPSFSQQAMKGYHAMMVDIAVQLVQKWERLNADEHIEVPEDMTRLTLDTIGLCGFNY
RFNSFYRDQPHPFITSMVRALDEAMNKLRRANPDDPAYDENKRQFQEDIKVMNDLVDKIIADRKASGEQSDDLLTHMLNG
KDPETGEPLDDENIRYQIITFLAAGHEATSGLLSFALYFLVKNPHELQKAAEEAARVLVDPVPSYKQVKQLKYVGMVLNE
ALRLWPTAPAFSLYAKEDTVLGGEYPLEKGDELMVLIPQLHRDKTIWGDDVEEFRPERFENPSAIPQHAFKPFGNGQRAC
IGQQFALHEATLVLGMMLKHFDFEDHTNYELDIKETLTLKPEGFVVKAKSKKIPLGGIPSPSTHHHHHH
;
_entity_poly.pdbx_strand_id   B,A
#
loop_
_chem_comp.id
_chem_comp.type
_chem_comp.name
_chem_comp.formula
HEM non-polymer 'PROTOPORPHYRIN IX CONTAINING FE' 'C34 H32 Fe N4 O4'
MG non-polymer 'MAGNESIUM ION' 'Mg 2'
SRO non-polymer SEROTONIN 'C10 H12 N2 O'
#
# COMPACT_ATOMS: atom_id res chain seq x y z
N LYS A 3 -30.23 26.59 41.79
CA LYS A 3 -31.36 25.76 41.28
C LYS A 3 -31.14 24.29 41.70
N GLU A 4 -32.21 23.49 41.66
CA GLU A 4 -32.07 22.02 41.55
C GLU A 4 -31.93 21.60 40.08
N MET A 5 -30.85 20.86 39.82
CA MET A 5 -30.33 20.67 38.49
C MET A 5 -31.20 19.75 37.70
N PRO A 6 -31.41 20.04 36.40
CA PRO A 6 -32.11 19.10 35.52
C PRO A 6 -31.33 17.79 35.38
N GLN A 7 -32.04 16.73 35.05
CA GLN A 7 -31.44 15.41 34.89
C GLN A 7 -32.23 14.63 33.83
N PRO A 8 -31.54 13.89 32.92
CA PRO A 8 -32.26 13.19 31.88
C PRO A 8 -32.93 11.95 32.49
N LYS A 9 -33.72 11.23 31.67
CA LYS A 9 -34.52 10.04 32.11
C LYS A 9 -33.63 8.99 32.74
N THR A 10 -34.23 8.18 33.61
CA THR A 10 -33.51 7.15 34.32
C THR A 10 -34.09 5.76 34.06
N PHE A 11 -33.30 4.80 34.51
CA PHE A 11 -33.43 3.36 34.26
C PHE A 11 -33.33 2.60 35.59
N GLY A 12 -34.25 2.82 36.49
CA GLY A 12 -34.20 2.11 37.79
C GLY A 12 -32.83 2.23 38.41
N GLU A 13 -32.30 1.12 38.93
CA GLU A 13 -31.03 1.20 39.68
C GLU A 13 -29.84 1.62 38.83
N LEU A 14 -30.02 1.57 37.52
CA LEU A 14 -28.93 1.93 36.67
C LEU A 14 -28.87 3.45 36.50
N LYS A 15 -29.87 4.17 37.00
CA LYS A 15 -29.83 5.65 36.94
C LYS A 15 -29.81 6.16 35.47
N ASN A 16 -28.88 7.06 35.11
CA ASN A 16 -28.78 7.54 33.72
C ASN A 16 -27.86 6.64 32.83
N LEU A 17 -27.22 5.66 33.44
CA LEU A 17 -26.14 4.99 32.74
C LEU A 17 -26.48 4.45 31.33
N PRO A 18 -27.62 3.72 31.17
CA PRO A 18 -27.90 3.19 29.84
C PRO A 18 -28.02 4.22 28.75
N LEU A 19 -28.18 5.50 29.10
CA LEU A 19 -28.08 6.57 28.07
C LEU A 19 -26.78 6.56 27.28
N LEU A 20 -25.69 6.13 27.91
CA LEU A 20 -24.40 6.12 27.23
C LEU A 20 -24.15 4.77 26.54
N ASN A 21 -25.10 3.82 26.69
CA ASN A 21 -25.09 2.51 26.00
C ASN A 21 -25.59 2.68 24.54
N THR A 22 -24.80 3.40 23.80
CA THR A 22 -25.15 3.73 22.42
C THR A 22 -23.86 3.92 21.67
N ASP A 23 -23.94 3.86 20.31
CA ASP A 23 -22.77 3.98 19.43
C ASP A 23 -22.37 5.45 19.36
N LYS A 24 -23.36 6.32 19.67
CA LYS A 24 -23.16 7.76 19.54
C LYS A 24 -23.40 8.52 20.88
N PRO A 25 -22.54 8.28 21.92
CA PRO A 25 -22.91 8.89 23.17
C PRO A 25 -22.82 10.45 23.22
N VAL A 26 -21.85 11.05 22.56
CA VAL A 26 -21.69 12.52 22.69
C VAL A 26 -22.85 13.20 21.98
N GLN A 27 -23.20 12.66 20.82
CA GLN A 27 -24.37 13.14 20.09
C GLN A 27 -25.70 12.98 20.90
N ALA A 28 -25.83 11.86 21.60
CA ALA A 28 -26.87 11.66 22.65
C ALA A 28 -26.85 12.79 23.72
N LEU A 29 -25.66 13.06 24.28
CA LEU A 29 -25.51 14.13 25.27
C LEU A 29 -25.84 15.49 24.69
N MET A 30 -25.45 15.77 23.45
CA MET A 30 -25.85 17.09 22.86
C MET A 30 -27.40 17.29 22.79
N LYS A 31 -28.12 16.23 22.43
CA LYS A 31 -29.55 16.30 22.30
C LYS A 31 -30.14 16.53 23.71
N ILE A 32 -29.55 15.84 24.70
CA ILE A 32 -29.96 16.01 26.14
C ILE A 32 -29.69 17.46 26.58
N ALA A 33 -28.46 17.96 26.29
CA ALA A 33 -28.14 19.39 26.55
C ALA A 33 -29.11 20.37 25.90
N ASP A 34 -29.47 20.11 24.64
CA ASP A 34 -30.45 20.99 23.95
C ASP A 34 -31.79 21.04 24.68
N GLU A 35 -32.22 19.89 25.16
CA GLU A 35 -33.43 19.74 25.93
C GLU A 35 -33.34 20.34 27.37
N LEU A 36 -32.25 20.09 28.04
CA LEU A 36 -32.17 20.47 29.44
C LEU A 36 -31.46 21.79 29.78
N GLY A 37 -30.62 22.28 28.90
CA GLY A 37 -29.95 23.58 29.13
C GLY A 37 -28.49 23.51 29.49
N GLU A 38 -27.98 24.57 30.08
CA GLU A 38 -26.55 24.70 30.23
C GLU A 38 -25.93 23.73 31.25
N ILE A 39 -26.73 23.07 32.07
CA ILE A 39 -26.14 22.14 33.05
C ILE A 39 -27.13 21.00 33.24
N PHE A 40 -26.67 19.78 33.32
CA PHE A 40 -27.56 18.70 33.81
C PHE A 40 -26.70 17.77 34.62
N LYS A 41 -27.30 17.15 35.62
CA LYS A 41 -26.73 16.05 36.37
C LYS A 41 -26.85 14.73 35.59
N PHE A 42 -25.86 13.87 35.78
CA PHE A 42 -25.80 12.55 35.20
C PHE A 42 -25.29 11.56 36.26
N GLU A 43 -26.14 10.59 36.63
CA GLU A 43 -25.83 9.58 37.64
C GLU A 43 -25.70 8.21 37.04
N ALA A 44 -24.80 7.47 37.63
CA ALA A 44 -24.57 6.09 37.29
C ALA A 44 -24.34 5.41 38.64
N PRO A 45 -24.44 4.06 38.67
CA PRO A 45 -24.18 3.42 39.94
C PRO A 45 -22.78 3.83 40.41
N GLY A 46 -22.72 4.39 41.61
CA GLY A 46 -21.48 4.71 42.27
C GLY A 46 -20.89 6.05 41.85
N ARG A 47 -21.44 6.66 40.77
CA ARG A 47 -20.85 7.88 40.29
C ARG A 47 -21.83 8.94 39.82
N VAL A 48 -21.32 10.16 39.78
CA VAL A 48 -22.13 11.27 39.39
C VAL A 48 -21.24 12.31 38.69
N THR A 49 -21.80 12.92 37.64
CA THR A 49 -21.12 14.08 37.06
C THR A 49 -22.18 15.04 36.57
N ARG A 50 -21.73 16.25 36.23
CA ARG A 50 -22.58 17.29 35.69
C ARG A 50 -22.03 17.83 34.38
N TYR A 51 -22.89 17.85 33.38
CA TYR A 51 -22.52 18.25 32.03
C TYR A 51 -22.82 19.71 31.82
N LEU A 52 -21.77 20.46 31.40
CA LEU A 52 -21.84 21.88 31.24
C LEU A 52 -21.81 22.20 29.75
N SER A 53 -22.65 23.11 29.35
CA SER A 53 -22.77 23.45 27.89
C SER A 53 -22.68 24.97 27.60
N SER A 54 -22.88 25.83 28.60
CA SER A 54 -22.79 27.27 28.36
C SER A 54 -21.38 27.85 28.54
N GLN A 55 -21.04 28.90 27.78
CA GLN A 55 -19.84 29.66 28.07
C GLN A 55 -19.85 30.20 29.46
N ARG A 56 -21.01 30.62 29.97
CA ARG A 56 -21.10 31.20 31.34
C ARG A 56 -20.50 30.25 32.43
N LEU A 57 -20.92 28.99 32.43
CA LEU A 57 -20.47 28.03 33.43
C LEU A 57 -19.07 27.44 33.14
N ILE A 58 -18.78 27.22 31.86
CA ILE A 58 -17.56 26.61 31.47
C ILE A 58 -16.39 27.58 31.71
N LYS A 59 -16.62 28.86 31.57
CA LYS A 59 -15.56 29.81 31.86
C LYS A 59 -15.20 29.70 33.35
N GLU A 60 -16.20 29.37 34.17
CA GLU A 60 -15.86 29.14 35.62
C GLU A 60 -15.12 27.86 35.84
N ALA A 61 -15.60 26.78 35.19
CA ALA A 61 -14.92 25.44 35.27
C ALA A 61 -13.45 25.50 34.86
N CYS A 62 -13.10 26.48 34.05
CA CYS A 62 -11.75 26.58 33.45
C CYS A 62 -10.83 27.42 34.33
N ASP A 63 -11.32 27.79 35.50
CA ASP A 63 -10.50 28.49 36.47
C ASP A 63 -9.67 27.47 37.23
N GLU A 64 -8.37 27.48 36.96
CA GLU A 64 -7.48 26.40 37.43
C GLU A 64 -7.25 26.44 38.94
N SER A 65 -7.66 27.55 39.55
CA SER A 65 -7.56 27.74 41.01
C SER A 65 -8.69 27.01 41.71
N ARG A 66 -9.70 26.63 40.93
CA ARG A 66 -10.92 26.03 41.51
C ARG A 66 -11.12 24.60 41.04
N PHE A 67 -10.65 24.31 39.81
CA PHE A 67 -10.90 23.01 39.16
C PHE A 67 -9.63 22.52 38.51
N ASP A 68 -9.43 21.21 38.62
CA ASP A 68 -8.28 20.56 37.94
C ASP A 68 -8.75 19.49 36.97
N LYS A 69 -7.88 19.00 36.05
CA LYS A 69 -8.24 17.88 35.21
C LYS A 69 -8.62 16.54 35.98
N ASN A 70 -9.75 15.95 35.56
CA ASN A 70 -10.19 14.66 36.09
C ASN A 70 -9.93 13.68 35.03
N LEU A 71 -9.44 12.49 35.39
CA LEU A 71 -9.37 11.44 34.38
C LEU A 71 -10.66 10.64 34.39
N SER A 72 -11.47 10.75 33.35
CA SER A 72 -12.74 9.97 33.31
C SER A 72 -12.57 8.51 32.89
N GLN A 73 -13.66 7.72 32.85
CA GLN A 73 -13.48 6.28 32.77
C GLN A 73 -12.70 5.85 31.51
N ALA A 74 -13.04 6.40 30.34
CA ALA A 74 -12.29 6.00 29.10
C ALA A 74 -10.77 6.21 29.25
N PRO A 75 -10.33 7.47 29.40
CA PRO A 75 -8.88 7.76 29.76
C PRO A 75 -8.28 6.94 30.89
N LYS A 76 -9.04 6.67 31.95
CA LYS A 76 -8.64 5.66 32.94
C LYS A 76 -8.29 4.30 32.35
N PHE A 77 -9.07 3.83 31.35
CA PHE A 77 -8.74 2.55 30.70
C PHE A 77 -7.60 2.64 29.67
N VAL A 78 -7.57 3.72 28.91
CA VAL A 78 -6.41 4.07 28.06
C VAL A 78 -5.09 4.20 28.90
N ARG A 79 -5.22 4.59 30.15
CA ARG A 79 -4.08 4.62 31.07
C ARG A 79 -3.45 3.23 31.21
N ASP A 80 -4.22 2.16 30.91
CA ASP A 80 -3.68 0.79 30.93
C ASP A 80 -2.57 0.54 29.92
N PHE A 81 -2.56 1.33 28.83
CA PHE A 81 -1.50 1.18 27.86
C PHE A 81 -0.65 2.48 27.66
N ALA A 82 -1.18 3.64 27.98
CA ALA A 82 -0.39 4.90 27.88
C ALA A 82 0.25 5.35 29.21
N GLY A 83 -0.08 4.63 30.30
CA GLY A 83 0.54 4.79 31.63
C GLY A 83 0.52 6.20 32.21
N ASP A 84 1.67 6.64 32.68
CA ASP A 84 1.74 8.03 33.10
C ASP A 84 2.28 9.01 32.09
N GLY A 85 1.91 8.78 30.80
CA GLY A 85 2.16 9.70 29.73
C GLY A 85 1.36 10.95 30.02
N LEU A 86 1.54 12.01 29.22
CA LEU A 86 0.97 13.35 29.59
C LEU A 86 -0.54 13.36 29.67
N PHE A 87 -1.15 12.60 28.79
CA PHE A 87 -2.60 12.67 28.61
C PHE A 87 -3.31 11.96 29.76
N THR A 88 -2.66 10.93 30.32
CA THR A 88 -3.39 9.99 31.23
C THR A 88 -2.79 10.07 32.65
N SER A 89 -1.94 11.05 32.82
CA SER A 89 -1.48 11.51 34.13
C SER A 89 -2.35 12.51 34.84
N TRP A 90 -2.35 12.45 36.18
CA TRP A 90 -3.07 13.45 36.99
C TRP A 90 -2.06 14.58 37.20
N THR A 91 -2.54 15.78 37.37
CA THR A 91 -1.70 17.00 37.46
C THR A 91 -0.72 16.90 38.60
N HIS A 92 -1.13 16.19 39.63
CA HIS A 92 -0.33 16.10 40.89
C HIS A 92 0.66 14.99 40.88
N GLU A 93 0.75 14.21 39.80
CA GLU A 93 1.74 13.16 39.67
C GLU A 93 3.04 13.80 39.24
N LYS A 94 4.12 13.41 39.90
CA LYS A 94 5.43 13.96 39.53
C LYS A 94 5.74 13.86 38.03
N ASN A 95 5.42 12.73 37.39
CA ASN A 95 5.76 12.63 35.96
C ASN A 95 5.01 13.57 35.02
N TRP A 96 3.90 14.09 35.50
CA TRP A 96 3.09 14.97 34.61
C TRP A 96 3.90 16.27 34.43
N LYS A 97 4.28 16.94 35.52
CA LYS A 97 4.89 18.28 35.43
C LYS A 97 6.29 18.12 34.85
N LYS A 98 7.00 17.08 35.27
CA LYS A 98 8.27 16.75 34.67
C LYS A 98 8.24 16.69 33.18
N ALA A 99 7.32 15.88 32.66
CA ALA A 99 7.26 15.64 31.24
C ALA A 99 6.72 16.87 30.46
N HIS A 100 5.70 17.52 31.04
CA HIS A 100 5.20 18.78 30.53
C HIS A 100 6.34 19.84 30.39
N ASN A 101 7.21 19.97 31.39
CA ASN A 101 8.31 20.99 31.33
C ASN A 101 9.33 20.68 30.21
N ILE A 102 9.62 19.40 30.08
CA ILE A 102 10.56 18.90 29.19
C ILE A 102 10.03 19.00 27.75
N LEU A 103 8.78 18.62 27.60
CA LEU A 103 8.18 18.52 26.26
C LEU A 103 7.63 19.83 25.66
N LEU A 104 7.23 20.80 26.49
CA LEU A 104 6.57 22.01 26.02
C LEU A 104 7.41 22.69 24.93
N PRO A 105 8.77 22.89 25.16
CA PRO A 105 9.52 23.54 24.06
C PRO A 105 9.59 22.76 22.73
N SER A 106 9.40 21.44 22.78
CA SER A 106 9.37 20.62 21.58
C SER A 106 8.05 20.65 20.89
N PHE A 107 7.07 21.38 21.45
CA PHE A 107 5.73 21.42 20.83
C PHE A 107 5.30 22.85 20.48
N SER A 108 6.25 23.78 20.66
CA SER A 108 5.97 25.18 20.46
C SER A 108 5.79 25.43 18.96
N GLN A 109 5.18 26.54 18.62
CA GLN A 109 5.13 26.94 17.23
C GLN A 109 6.53 26.97 16.56
N GLN A 110 7.51 27.54 17.23
CA GLN A 110 8.90 27.47 16.77
C GLN A 110 9.37 26.08 16.48
N ALA A 111 9.03 25.12 17.32
CA ALA A 111 9.52 23.74 17.11
C ALA A 111 8.95 23.11 15.82
N MET A 112 7.84 23.65 15.34
CA MET A 112 7.21 23.16 14.12
C MET A 112 8.15 23.30 12.92
N LYS A 113 9.02 24.34 12.88
CA LYS A 113 10.05 24.40 11.87
C LYS A 113 10.84 23.10 11.64
N GLY A 114 11.23 22.45 12.71
CA GLY A 114 11.98 21.22 12.67
C GLY A 114 11.22 19.95 12.30
N TYR A 115 9.90 19.92 12.51
CA TYR A 115 9.09 18.79 12.07
C TYR A 115 8.59 18.94 10.65
N HIS A 116 8.63 20.15 10.12
CA HIS A 116 8.01 20.49 8.83
C HIS A 116 8.44 19.54 7.72
N ALA A 117 9.73 19.27 7.58
CA ALA A 117 10.20 18.46 6.42
C ALA A 117 9.57 17.07 6.52
N MET A 118 9.50 16.55 7.74
CA MET A 118 8.89 15.23 7.93
CA MET A 118 8.87 15.25 8.01
C MET A 118 7.38 15.18 7.67
N MET A 119 6.63 16.19 8.12
CA MET A 119 5.24 16.37 7.75
C MET A 119 5.04 16.46 6.24
N VAL A 120 5.94 17.14 5.53
CA VAL A 120 5.87 17.20 4.04
C VAL A 120 6.07 15.83 3.39
N ASP A 121 7.00 15.04 3.96
CA ASP A 121 7.30 13.71 3.45
C ASP A 121 6.02 12.89 3.39
N ILE A 122 5.22 12.92 4.45
CA ILE A 122 4.00 12.11 4.44
C ILE A 122 2.92 12.78 3.57
N ALA A 123 2.77 14.11 3.68
CA ALA A 123 1.81 14.85 2.85
C ALA A 123 2.00 14.59 1.34
N VAL A 124 3.26 14.58 0.91
CA VAL A 124 3.62 14.26 -0.47
C VAL A 124 3.13 12.84 -0.83
N GLN A 125 3.38 11.87 0.05
CA GLN A 125 2.83 10.52 -0.18
C GLN A 125 1.26 10.54 -0.36
N LEU A 126 0.56 11.32 0.48
CA LEU A 126 -0.88 11.50 0.33
C LEU A 126 -1.27 12.07 -1.07
N VAL A 127 -0.61 13.15 -1.51
CA VAL A 127 -0.94 13.77 -2.76
C VAL A 127 -0.60 12.79 -3.91
N GLN A 128 0.51 12.08 -3.80
CA GLN A 128 0.93 11.16 -4.87
C GLN A 128 -0.11 10.04 -5.01
N LYS A 129 -0.61 9.56 -3.86
CA LYS A 129 -1.60 8.48 -3.85
C LYS A 129 -2.80 8.93 -4.65
N TRP A 130 -3.28 10.14 -4.37
CA TRP A 130 -4.47 10.66 -5.07
C TRP A 130 -4.27 10.97 -6.56
N GLU A 131 -3.08 11.50 -6.89
CA GLU A 131 -2.70 11.72 -8.31
C GLU A 131 -2.70 10.40 -9.08
N ARG A 132 -2.46 9.28 -8.38
CA ARG A 132 -2.34 7.99 -9.06
C ARG A 132 -3.69 7.22 -9.15
N LEU A 133 -4.81 7.83 -8.72
CA LEU A 133 -6.06 7.08 -8.74
C LEU A 133 -6.59 7.13 -10.15
N ASN A 134 -7.35 6.12 -10.53
CA ASN A 134 -7.91 6.08 -11.90
C ASN A 134 -9.21 6.83 -11.96
N ALA A 135 -9.73 6.96 -13.17
CA ALA A 135 -10.87 7.83 -13.38
C ALA A 135 -12.07 7.47 -12.52
N ASP A 136 -12.38 6.22 -12.34
CA ASP A 136 -13.66 5.98 -11.67
C ASP A 136 -13.50 5.57 -10.22
N GLU A 137 -12.30 5.82 -9.68
CA GLU A 137 -12.02 5.48 -8.31
C GLU A 137 -12.38 6.69 -7.48
N HIS A 138 -12.41 6.49 -6.17
CA HIS A 138 -12.78 7.58 -5.28
C HIS A 138 -11.85 7.47 -4.08
N ILE A 139 -11.95 8.43 -3.19
CA ILE A 139 -11.08 8.49 -2.02
C ILE A 139 -11.95 8.17 -0.80
N GLU A 140 -11.39 7.41 0.13
CA GLU A 140 -12.00 7.13 1.42
C GLU A 140 -11.35 8.10 2.42
N VAL A 141 -12.06 9.18 2.73
CA VAL A 141 -11.39 10.35 3.33
C VAL A 141 -10.81 10.09 4.72
N PRO A 142 -11.63 9.63 5.71
CA PRO A 142 -11.07 9.47 7.04
C PRO A 142 -10.01 8.39 7.06
N GLU A 143 -10.16 7.36 6.23
CA GLU A 143 -9.12 6.31 6.13
C GLU A 143 -7.77 6.91 5.64
N ASP A 144 -7.78 7.65 4.53
CA ASP A 144 -6.52 8.29 4.09
C ASP A 144 -5.95 9.31 5.10
N MET A 145 -6.81 10.12 5.74
CA MET A 145 -6.38 11.08 6.78
C MET A 145 -5.72 10.41 7.97
N THR A 146 -6.25 9.27 8.35
CA THR A 146 -5.72 8.60 9.51
C THR A 146 -4.40 7.92 9.10
N ARG A 147 -4.31 7.45 7.84
CA ARG A 147 -3.02 6.93 7.35
C ARG A 147 -1.92 8.01 7.47
N LEU A 148 -2.32 9.22 7.07
CA LEU A 148 -1.37 10.37 7.01
C LEU A 148 -0.98 10.79 8.44
N THR A 149 -1.98 10.95 9.33
CA THR A 149 -1.63 11.42 10.64
C THR A 149 -0.87 10.43 11.49
N LEU A 150 -1.24 9.14 11.46
CA LEU A 150 -0.41 8.05 12.04
C LEU A 150 1.06 8.08 11.55
N ASP A 151 1.26 8.17 10.24
CA ASP A 151 2.61 8.15 9.68
C ASP A 151 3.37 9.43 10.02
N THR A 152 2.64 10.53 10.09
CA THR A 152 3.32 11.80 10.39
C THR A 152 3.83 11.78 11.86
N ILE A 153 2.98 11.32 12.77
CA ILE A 153 3.34 11.30 14.20
C ILE A 153 4.42 10.25 14.46
N GLY A 154 4.33 9.13 13.75
CA GLY A 154 5.38 8.09 13.83
C GLY A 154 6.74 8.68 13.40
N LEU A 155 6.75 9.39 12.29
CA LEU A 155 7.95 9.98 11.73
C LEU A 155 8.54 11.07 12.68
N CYS A 156 7.71 12.06 13.07
CA CYS A 156 8.14 13.13 13.99
C CYS A 156 8.32 12.62 15.42
N GLY A 157 7.57 11.60 15.84
CA GLY A 157 7.63 11.12 17.21
C GLY A 157 8.86 10.29 17.46
N PHE A 158 9.15 9.35 16.57
CA PHE A 158 10.33 8.54 16.81
C PHE A 158 11.03 8.04 15.56
N ASN A 159 10.93 8.82 14.48
CA ASN A 159 11.62 8.52 13.22
C ASN A 159 11.34 7.09 12.74
N TYR A 160 10.15 6.60 13.04
CA TYR A 160 9.68 5.29 12.60
C TYR A 160 8.64 5.45 11.44
N ARG A 161 8.74 4.59 10.43
CA ARG A 161 7.83 4.61 9.26
C ARG A 161 6.81 3.46 9.33
N PHE A 162 5.55 3.75 9.63
CA PHE A 162 4.49 2.72 9.69
C PHE A 162 4.13 2.33 8.21
N ASN A 163 4.56 3.18 7.29
CA ASN A 163 4.27 2.93 5.86
C ASN A 163 2.79 2.55 5.57
N SER A 164 1.91 3.41 6.11
CA SER A 164 0.48 3.24 6.03
C SER A 164 -0.01 3.36 4.61
N PHE A 165 0.68 4.13 3.75
CA PHE A 165 0.23 4.20 2.31
C PHE A 165 0.66 2.99 1.46
N TYR A 166 1.37 2.05 2.06
CA TYR A 166 1.78 0.81 1.41
C TYR A 166 0.88 -0.37 1.82
N ARG A 167 -0.24 -0.10 2.48
CA ARG A 167 -1.02 -1.16 3.15
C ARG A 167 -2.51 -1.02 3.03
N ASP A 168 -3.20 -2.16 3.03
CA ASP A 168 -4.59 -2.21 3.49
C ASP A 168 -4.66 -2.59 4.96
N GLN A 169 -3.90 -3.59 5.39
CA GLN A 169 -3.85 -3.90 6.83
C GLN A 169 -2.70 -3.17 7.45
N PRO A 170 -3.01 -2.30 8.45
CA PRO A 170 -1.98 -1.48 9.06
C PRO A 170 -0.89 -2.30 9.71
N HIS A 171 0.24 -1.63 9.89
CA HIS A 171 1.34 -2.15 10.65
C HIS A 171 0.76 -2.78 11.95
N PRO A 172 1.32 -3.92 12.40
CA PRO A 172 0.83 -4.57 13.62
C PRO A 172 0.75 -3.69 14.83
N PHE A 173 1.59 -2.65 14.91
CA PHE A 173 1.51 -1.77 16.09
C PHE A 173 0.23 -0.95 16.01
N ILE A 174 -0.07 -0.46 14.81
CA ILE A 174 -1.28 0.32 14.64
C ILE A 174 -2.50 -0.55 14.95
N THR A 175 -2.50 -1.76 14.43
CA THR A 175 -3.61 -2.68 14.66
C THR A 175 -3.85 -2.89 16.16
N SER A 176 -2.76 -3.16 16.90
CA SER A 176 -2.89 -3.35 18.32
C SER A 176 -3.34 -2.08 19.02
N MET A 177 -2.83 -0.91 18.59
CA MET A 177 -3.22 0.35 19.22
C MET A 177 -4.68 0.66 19.08
N VAL A 178 -5.17 0.59 17.84
CA VAL A 178 -6.56 0.88 17.54
C VAL A 178 -7.50 -0.11 18.27
N ARG A 179 -7.05 -1.36 18.41
CA ARG A 179 -7.83 -2.39 19.13
C ARG A 179 -7.76 -2.15 20.64
N ALA A 180 -6.57 -1.84 21.17
CA ALA A 180 -6.46 -1.31 22.56
C ALA A 180 -7.39 -0.10 22.85
N LEU A 181 -7.46 0.91 21.95
CA LEU A 181 -8.39 2.06 22.07
C LEU A 181 -9.82 1.56 22.05
N ASP A 182 -10.12 0.64 21.13
CA ASP A 182 -11.46 0.01 21.06
C ASP A 182 -11.83 -0.73 22.34
N GLU A 183 -10.90 -1.50 22.90
CA GLU A 183 -11.13 -2.21 24.17
C GLU A 183 -11.47 -1.26 25.31
N ALA A 184 -10.71 -0.17 25.41
CA ALA A 184 -10.96 0.91 26.38
C ALA A 184 -12.37 1.55 26.21
N MET A 185 -12.80 1.72 24.97
CA MET A 185 -14.11 2.28 24.69
C MET A 185 -15.24 1.29 24.97
N ASN A 186 -15.12 0.04 24.48
CA ASN A 186 -16.13 -1.01 24.71
C ASN A 186 -16.28 -1.38 26.16
N LYS A 187 -15.20 -1.25 26.96
CA LYS A 187 -15.23 -1.53 28.40
C LYS A 187 -16.20 -0.63 29.16
N LEU A 188 -16.48 0.54 28.59
CA LEU A 188 -17.49 1.47 29.14
C LEU A 188 -18.93 0.91 29.18
N ARG A 189 -19.29 0.12 28.17
CA ARG A 189 -20.68 -0.32 28.00
C ARG A 189 -20.97 -1.75 28.50
N ARG A 190 -20.08 -2.31 29.33
CA ARG A 190 -20.17 -3.76 29.61
C ARG A 190 -21.09 -4.24 30.76
N ALA A 191 -22.01 -5.16 30.43
CA ALA A 191 -23.00 -5.74 31.36
C ALA A 191 -22.44 -6.04 32.76
N ASN A 192 -21.88 -7.24 32.95
CA ASN A 192 -21.01 -7.51 34.10
C ASN A 192 -19.62 -7.60 33.48
N PRO A 193 -18.77 -6.58 33.72
CA PRO A 193 -17.47 -6.56 33.03
C PRO A 193 -16.62 -7.83 33.26
N ASP A 194 -16.96 -8.61 34.29
CA ASP A 194 -16.19 -9.82 34.69
C ASP A 194 -16.72 -11.15 34.13
N ASP A 195 -17.66 -11.05 33.18
CA ASP A 195 -18.23 -12.21 32.48
C ASP A 195 -17.12 -12.99 31.74
N PRO A 196 -17.11 -14.35 31.86
CA PRO A 196 -16.11 -15.19 31.14
C PRO A 196 -16.09 -15.09 29.59
N ALA A 197 -17.12 -14.48 28.98
CA ALA A 197 -17.11 -14.20 27.54
C ALA A 197 -16.14 -13.07 27.15
N TYR A 198 -15.70 -12.28 28.12
CA TYR A 198 -14.77 -11.18 27.85
C TYR A 198 -13.29 -11.53 28.09
N ASP A 199 -12.99 -12.78 28.41
CA ASP A 199 -11.60 -13.15 28.79
C ASP A 199 -10.69 -13.20 27.59
N GLU A 200 -11.30 -13.46 26.44
CA GLU A 200 -10.64 -13.31 25.15
C GLU A 200 -10.26 -11.84 24.92
N ASN A 201 -11.23 -10.94 25.08
CA ASN A 201 -10.99 -9.50 24.97
C ASN A 201 -9.80 -9.07 25.87
N LYS A 202 -9.78 -9.60 27.09
CA LYS A 202 -8.70 -9.35 28.05
C LYS A 202 -7.36 -9.91 27.56
N ARG A 203 -7.36 -11.19 27.18
CA ARG A 203 -6.17 -11.82 26.59
C ARG A 203 -5.63 -10.94 25.45
N GLN A 204 -6.54 -10.58 24.53
CA GLN A 204 -6.22 -9.76 23.37
C GLN A 204 -5.61 -8.39 23.77
N PHE A 205 -6.20 -7.76 24.78
CA PHE A 205 -5.75 -6.44 25.26
C PHE A 205 -4.30 -6.57 25.81
N GLN A 206 -4.06 -7.60 26.60
CA GLN A 206 -2.70 -7.82 27.11
C GLN A 206 -1.68 -8.07 26.01
N GLU A 207 -2.08 -8.80 24.98
CA GLU A 207 -1.18 -8.98 23.82
C GLU A 207 -0.91 -7.67 23.08
N ASP A 208 -1.96 -6.87 22.91
CA ASP A 208 -1.88 -5.56 22.21
C ASP A 208 -0.96 -4.57 22.98
N ILE A 209 -1.11 -4.54 24.29
CA ILE A 209 -0.11 -3.85 25.15
C ILE A 209 1.34 -4.35 24.89
N LYS A 210 1.54 -5.65 24.87
CA LYS A 210 2.86 -6.22 24.58
C LYS A 210 3.41 -5.83 23.21
N VAL A 211 2.58 -5.91 22.18
CA VAL A 211 3.01 -5.51 20.86
C VAL A 211 3.50 -4.05 20.89
N MET A 212 2.76 -3.21 21.62
CA MET A 212 3.05 -1.78 21.60
C MET A 212 4.32 -1.49 22.38
N ASN A 213 4.44 -2.00 23.60
CA ASN A 213 5.65 -1.81 24.38
C ASN A 213 6.89 -2.41 23.74
N ASP A 214 6.77 -3.59 23.14
CA ASP A 214 7.96 -4.22 22.55
C ASP A 214 8.52 -3.38 21.41
N LEU A 215 7.65 -2.82 20.55
CA LEU A 215 8.14 -2.03 19.42
C LEU A 215 8.75 -0.75 19.93
N VAL A 216 7.99 0.01 20.74
CA VAL A 216 8.49 1.28 21.22
C VAL A 216 9.75 1.08 22.09
N ASP A 217 9.73 0.10 23.01
CA ASP A 217 10.94 -0.13 23.84
C ASP A 217 12.17 -0.46 23.00
N LYS A 218 11.97 -1.24 21.95
CA LYS A 218 13.10 -1.59 21.08
C LYS A 218 13.60 -0.35 20.38
N ILE A 219 12.72 0.59 20.00
CA ILE A 219 13.17 1.75 19.20
C ILE A 219 14.00 2.70 20.07
N ILE A 220 13.53 2.88 21.29
CA ILE A 220 14.29 3.57 22.30
C ILE A 220 15.62 2.91 22.55
N ALA A 221 15.58 1.59 22.73
CA ALA A 221 16.86 0.88 22.86
C ALA A 221 17.81 1.11 21.67
N ASP A 222 17.32 1.01 20.43
CA ASP A 222 18.24 1.09 19.27
C ASP A 222 18.79 2.51 19.18
N ARG A 223 17.96 3.49 19.53
CA ARG A 223 18.37 4.89 19.40
C ARG A 223 19.47 5.21 20.41
N LYS A 224 19.31 4.73 21.62
CA LYS A 224 20.33 4.90 22.64
C LYS A 224 21.64 4.20 22.28
N ALA A 225 21.54 3.08 21.59
CA ALA A 225 22.74 2.29 21.26
C ALA A 225 23.44 3.00 20.10
N SER A 226 22.67 3.38 19.06
CA SER A 226 23.24 4.04 17.87
C SER A 226 23.85 5.42 18.19
N GLY A 227 23.36 6.07 19.25
CA GLY A 227 23.71 7.45 19.54
C GLY A 227 23.21 8.51 18.55
N GLU A 228 22.42 8.12 17.54
CA GLU A 228 22.01 9.11 16.53
C GLU A 228 21.09 10.23 17.06
N GLN A 229 21.31 11.42 16.54
CA GLN A 229 20.55 12.61 16.88
C GLN A 229 19.65 13.00 15.72
N SER A 230 18.34 12.80 15.86
CA SER A 230 17.41 13.11 14.77
C SER A 230 16.59 14.31 15.16
N ASP A 231 15.63 14.66 14.31
CA ASP A 231 14.79 15.83 14.48
C ASP A 231 13.44 15.45 15.11
N ASP A 232 13.41 14.32 15.82
CA ASP A 232 12.17 13.82 16.37
C ASP A 232 12.05 14.06 17.88
N LEU A 233 10.88 13.74 18.43
CA LEU A 233 10.60 14.05 19.82
C LEU A 233 11.37 13.07 20.69
N LEU A 234 11.67 11.89 20.15
CA LEU A 234 12.44 10.90 20.92
C LEU A 234 13.84 11.45 21.23
N THR A 235 14.48 12.05 20.23
CA THR A 235 15.75 12.73 20.49
C THR A 235 15.63 13.74 21.63
N HIS A 236 14.67 14.64 21.49
CA HIS A 236 14.39 15.70 22.49
C HIS A 236 14.23 15.07 23.88
N MET A 237 13.41 14.01 23.99
CA MET A 237 13.19 13.26 25.25
C MET A 237 14.42 12.53 25.82
N LEU A 238 15.26 11.94 24.98
CA LEU A 238 16.46 11.29 25.55
C LEU A 238 17.51 12.29 26.02
N ASN A 239 17.51 13.46 25.40
CA ASN A 239 18.44 14.57 25.74
C ASN A 239 17.95 15.59 26.73
N GLY A 240 16.65 15.63 27.00
CA GLY A 240 16.10 16.74 27.80
C GLY A 240 16.23 16.56 29.32
N LYS A 241 16.23 17.67 30.05
CA LYS A 241 16.21 17.62 31.56
C LYS A 241 15.15 18.60 32.01
N ASP A 242 14.33 18.19 33.00
CA ASP A 242 13.35 19.04 33.60
C ASP A 242 14.06 20.20 34.31
N PRO A 243 13.82 21.47 33.88
CA PRO A 243 14.44 22.66 34.52
C PRO A 243 14.12 22.71 36.00
N GLU A 244 12.94 22.17 36.41
CA GLU A 244 12.49 22.19 37.82
C GLU A 244 13.19 21.15 38.71
N THR A 245 13.04 19.86 38.41
CA THR A 245 13.64 18.74 39.19
C THR A 245 15.12 18.55 38.82
N GLY A 246 15.45 18.87 37.56
CA GLY A 246 16.72 18.60 36.93
C GLY A 246 16.88 17.14 36.47
N GLU A 247 15.78 16.39 36.51
CA GLU A 247 15.78 14.96 36.13
C GLU A 247 15.36 14.78 34.67
N PRO A 248 15.97 13.82 33.94
CA PRO A 248 15.46 13.46 32.63
C PRO A 248 14.24 12.47 32.74
N LEU A 249 13.41 12.33 31.68
CA LEU A 249 12.42 11.23 31.73
C LEU A 249 13.17 9.87 31.68
N ASP A 250 12.66 8.86 32.41
CA ASP A 250 13.19 7.56 32.29
C ASP A 250 12.65 6.79 31.05
N ASP A 251 13.27 5.67 30.69
CA ASP A 251 12.90 4.99 29.44
C ASP A 251 11.46 4.54 29.36
N GLU A 252 10.91 4.14 30.50
CA GLU A 252 9.52 3.71 30.55
C GLU A 252 8.63 4.89 30.19
N ASN A 253 8.89 6.03 30.84
CA ASN A 253 8.04 7.20 30.65
C ASN A 253 8.15 7.67 29.23
N ILE A 254 9.36 7.63 28.67
CA ILE A 254 9.51 8.00 27.28
C ILE A 254 8.63 7.11 26.37
N ARG A 255 8.70 5.80 26.59
CA ARG A 255 7.76 4.87 25.93
C ARG A 255 6.25 5.22 26.02
N TYR A 256 5.78 5.46 27.23
CA TYR A 256 4.42 5.97 27.42
C TYR A 256 4.15 7.29 26.69
N GLN A 257 5.14 8.19 26.57
CA GLN A 257 4.86 9.45 25.84
C GLN A 257 4.63 9.15 24.40
N ILE A 258 5.49 8.31 23.85
CA ILE A 258 5.37 7.94 22.44
C ILE A 258 4.09 7.21 22.14
N ILE A 259 3.71 6.20 22.94
CA ILE A 259 2.38 5.59 22.81
C ILE A 259 1.31 6.66 22.89
N THR A 260 1.37 7.55 23.87
CA THR A 260 0.40 8.71 23.96
C THR A 260 0.30 9.57 22.67
N PHE A 261 1.45 9.98 22.12
CA PHE A 261 1.39 10.89 20.97
C PHE A 261 0.61 10.21 19.84
N LEU A 262 0.97 8.96 19.61
CA LEU A 262 0.31 8.15 18.62
C LEU A 262 -1.17 7.94 18.94
N ALA A 263 -1.48 7.49 20.16
CA ALA A 263 -2.87 7.17 20.53
C ALA A 263 -3.81 8.37 20.67
N ALA A 264 -3.28 9.45 21.29
CA ALA A 264 -3.99 10.68 21.60
C ALA A 264 -3.99 11.62 20.40
N GLY A 265 -2.95 11.62 19.58
CA GLY A 265 -2.87 12.64 18.53
C GLY A 265 -3.48 12.31 17.18
N HIS A 266 -3.41 11.05 16.76
CA HIS A 266 -3.63 10.67 15.36
C HIS A 266 -5.06 10.86 14.93
N GLU A 267 -5.97 10.54 15.83
CA GLU A 267 -7.33 10.33 15.46
C GLU A 267 -8.02 11.68 15.51
N ALA A 268 -7.77 12.49 16.54
CA ALA A 268 -8.44 13.80 16.52
C ALA A 268 -7.97 14.67 15.33
N THR A 269 -6.71 14.53 14.97
CA THR A 269 -6.14 15.32 13.81
C THR A 269 -6.74 14.78 12.49
N SER A 270 -6.78 13.46 12.35
CA SER A 270 -7.39 12.86 11.16
C SER A 270 -8.85 13.23 11.01
N GLY A 271 -9.62 13.19 12.09
CA GLY A 271 -11.00 13.68 12.02
C GLY A 271 -11.19 15.14 11.74
N LEU A 272 -10.30 16.02 12.27
CA LEU A 272 -10.28 17.47 11.94
C LEU A 272 -10.15 17.62 10.39
N LEU A 273 -9.11 17.03 9.80
CA LEU A 273 -8.96 17.07 8.34
C LEU A 273 -10.18 16.59 7.61
N SER A 274 -10.79 15.49 8.11
CA SER A 274 -12.02 14.94 7.44
C SER A 274 -13.17 15.84 7.50
N PHE A 275 -13.49 16.33 8.71
CA PHE A 275 -14.56 17.33 8.80
C PHE A 275 -14.34 18.60 8.01
N ALA A 276 -13.10 19.06 7.99
CA ALA A 276 -12.82 20.30 7.25
C ALA A 276 -13.06 20.01 5.72
N LEU A 277 -12.59 18.89 5.24
CA LEU A 277 -12.90 18.63 3.78
C LEU A 277 -14.41 18.39 3.55
N TYR A 278 -15.06 17.66 4.46
CA TYR A 278 -16.52 17.61 4.40
C TYR A 278 -17.17 19.03 4.31
N PHE A 279 -16.83 19.92 5.24
CA PHE A 279 -17.47 21.27 5.21
C PHE A 279 -17.16 22.03 3.92
N LEU A 280 -15.94 21.91 3.42
CA LEU A 280 -15.67 22.63 2.13
C LEU A 280 -16.44 22.03 0.96
N VAL A 281 -16.50 20.68 0.87
CA VAL A 281 -17.31 20.07 -0.27
C VAL A 281 -18.82 20.38 -0.19
N LYS A 282 -19.32 20.57 1.03
CA LYS A 282 -20.71 21.01 1.22
C LYS A 282 -20.90 22.51 1.12
N ASN A 283 -19.79 23.23 1.01
CA ASN A 283 -19.89 24.70 1.02
C ASN A 283 -18.97 25.23 -0.07
N PRO A 284 -19.42 25.10 -1.35
CA PRO A 284 -18.55 25.48 -2.43
C PRO A 284 -17.98 26.89 -2.42
N HIS A 285 -18.68 27.93 -1.90
CA HIS A 285 -18.12 29.32 -1.92
C HIS A 285 -16.90 29.41 -0.94
N GLU A 286 -16.96 28.64 0.11
CA GLU A 286 -15.87 28.62 1.06
C GLU A 286 -14.70 27.74 0.55
N LEU A 287 -15.06 26.67 -0.13
CA LEU A 287 -14.00 25.88 -0.80
C LEU A 287 -13.25 26.74 -1.79
N GLN A 288 -13.96 27.55 -2.58
CA GLN A 288 -13.27 28.40 -3.54
C GLN A 288 -12.33 29.42 -2.84
N LYS A 289 -12.74 29.99 -1.69
CA LYS A 289 -11.96 30.95 -0.95
C LYS A 289 -10.71 30.25 -0.44
N ALA A 290 -10.83 29.03 0.07
CA ALA A 290 -9.71 28.27 0.55
C ALA A 290 -8.75 27.79 -0.57
N ALA A 291 -9.31 27.37 -1.72
CA ALA A 291 -8.51 26.90 -2.86
C ALA A 291 -7.80 28.09 -3.49
N GLU A 292 -8.50 29.21 -3.57
CA GLU A 292 -7.87 30.45 -4.10
C GLU A 292 -6.63 30.81 -3.25
N GLU A 293 -6.77 30.76 -1.93
CA GLU A 293 -5.60 31.03 -1.03
C GLU A 293 -4.46 30.02 -1.18
N ALA A 294 -4.80 28.73 -1.16
CA ALA A 294 -3.80 27.72 -1.46
C ALA A 294 -2.99 27.99 -2.72
N ALA A 295 -3.67 28.26 -3.83
CA ALA A 295 -3.01 28.59 -5.12
C ALA A 295 -2.12 29.87 -5.07
N ARG A 296 -2.58 30.90 -4.37
CA ARG A 296 -1.92 32.24 -4.32
C ARG A 296 -0.70 32.13 -3.40
N VAL A 297 -0.84 31.28 -2.38
CA VAL A 297 0.17 31.10 -1.36
C VAL A 297 1.22 30.01 -1.60
N LEU A 298 0.80 28.80 -1.95
CA LEU A 298 1.71 27.65 -2.17
C LEU A 298 2.28 27.62 -3.61
N VAL A 299 3.30 28.44 -3.82
CA VAL A 299 3.74 28.78 -5.16
C VAL A 299 4.93 27.90 -5.53
N ASP A 300 5.40 27.13 -4.56
CA ASP A 300 6.55 26.31 -4.78
C ASP A 300 6.15 24.87 -4.82
N PRO A 301 6.96 24.01 -5.48
CA PRO A 301 6.61 22.59 -5.64
C PRO A 301 6.24 21.92 -4.34
N VAL A 302 7.01 22.21 -3.29
CA VAL A 302 6.62 21.79 -1.94
C VAL A 302 6.56 23.02 -1.06
N PRO A 303 5.57 23.04 -0.14
CA PRO A 303 5.30 24.17 0.69
C PRO A 303 6.42 24.37 1.71
N SER A 304 6.76 25.62 1.97
CA SER A 304 7.67 25.95 3.08
C SER A 304 6.91 26.13 4.39
N TYR A 305 7.65 26.08 5.50
CA TYR A 305 7.00 26.38 6.79
C TYR A 305 6.33 27.79 6.77
N LYS A 306 7.08 28.79 6.30
CA LYS A 306 6.54 30.14 6.24
C LYS A 306 5.34 30.24 5.34
N GLN A 307 5.32 29.53 4.22
CA GLN A 307 4.09 29.47 3.39
C GLN A 307 2.90 28.87 4.15
N VAL A 308 3.17 27.90 5.01
CA VAL A 308 2.02 27.32 5.75
C VAL A 308 1.44 28.35 6.71
N LYS A 309 2.31 29.12 7.36
CA LYS A 309 1.87 30.14 8.32
C LYS A 309 1.01 31.20 7.63
N GLN A 310 1.22 31.36 6.33
CA GLN A 310 0.51 32.36 5.52
C GLN A 310 -0.88 31.88 5.05
N LEU A 311 -1.24 30.62 5.27
CA LEU A 311 -2.58 30.13 4.79
C LEU A 311 -3.61 30.46 5.84
N LYS A 312 -3.83 31.75 6.00
CA LYS A 312 -4.80 32.30 6.94
C LYS A 312 -6.19 31.69 6.79
N TYR A 313 -6.74 31.74 5.57
CA TYR A 313 -8.09 31.26 5.38
C TYR A 313 -8.22 29.76 5.62
N VAL A 314 -7.21 29.01 5.27
CA VAL A 314 -7.23 27.59 5.58
C VAL A 314 -7.30 27.45 7.11
N GLY A 315 -6.46 28.21 7.81
CA GLY A 315 -6.49 28.22 9.30
C GLY A 315 -7.89 28.50 9.89
N MET A 316 -8.61 29.44 9.25
CA MET A 316 -9.93 29.82 9.70
C MET A 316 -10.92 28.65 9.41
N VAL A 317 -10.82 28.05 8.22
CA VAL A 317 -11.62 26.76 7.93
C VAL A 317 -11.40 25.71 9.00
N LEU A 318 -10.14 25.50 9.39
CA LEU A 318 -9.86 24.46 10.33
C LEU A 318 -10.53 24.83 11.69
N ASN A 319 -10.41 26.07 12.08
CA ASN A 319 -11.12 26.47 13.36
C ASN A 319 -12.65 26.33 13.37
N GLU A 320 -13.26 26.66 12.22
CA GLU A 320 -14.67 26.55 12.09
C GLU A 320 -15.07 25.10 12.06
N ALA A 321 -14.23 24.22 11.50
CA ALA A 321 -14.50 22.78 11.60
C ALA A 321 -14.42 22.28 13.03
N LEU A 322 -13.40 22.73 13.76
CA LEU A 322 -13.28 22.48 15.19
C LEU A 322 -14.42 23.10 16.00
N ARG A 323 -15.02 24.20 15.51
CA ARG A 323 -16.06 24.79 16.35
C ARG A 323 -17.28 23.82 16.27
N LEU A 324 -17.68 23.45 15.06
CA LEU A 324 -18.83 22.56 14.85
C LEU A 324 -18.66 21.19 15.35
N TRP A 325 -17.48 20.56 15.11
CA TRP A 325 -17.31 19.12 15.45
C TRP A 325 -15.90 18.97 16.11
N PRO A 326 -15.74 19.50 17.32
CA PRO A 326 -14.44 19.34 18.04
C PRO A 326 -14.24 17.84 18.19
N THR A 327 -13.10 17.35 17.68
CA THR A 327 -12.90 15.91 17.44
C THR A 327 -12.46 15.21 18.76
N ALA A 328 -12.06 15.98 19.76
CA ALA A 328 -11.98 15.42 21.12
C ALA A 328 -13.05 16.20 21.92
N PRO A 329 -14.31 15.65 21.93
CA PRO A 329 -15.50 16.44 22.20
C PRO A 329 -15.81 16.80 23.66
N ALA A 330 -15.06 16.30 24.63
CA ALA A 330 -15.40 16.55 26.02
C ALA A 330 -14.15 16.43 26.85
N PHE A 331 -14.07 17.18 27.96
CA PHE A 331 -13.03 16.89 28.95
C PHE A 331 -13.60 17.02 30.35
N SER A 332 -12.94 16.43 31.34
CA SER A 332 -13.54 16.30 32.65
C SER A 332 -12.67 17.02 33.69
N LEU A 333 -13.32 17.68 34.67
CA LEU A 333 -12.68 18.37 35.78
C LEU A 333 -13.25 17.89 37.09
N TYR A 334 -12.49 18.08 38.15
CA TYR A 334 -12.97 17.93 39.51
C TYR A 334 -12.77 19.23 40.29
N ALA A 335 -13.64 19.48 41.28
CA ALA A 335 -13.58 20.64 42.15
C ALA A 335 -12.42 20.43 43.16
N LYS A 336 -11.45 21.35 43.17
CA LYS A 336 -10.29 21.22 44.09
C LYS A 336 -10.75 21.39 45.56
N GLU A 337 -11.82 22.17 45.73
CA GLU A 337 -12.43 22.52 47.06
C GLU A 337 -13.94 22.72 46.84
N ASP A 338 -14.71 22.67 47.94
CA ASP A 338 -16.14 23.06 47.92
C ASP A 338 -16.20 24.39 47.22
N THR A 339 -17.21 24.61 46.38
CA THR A 339 -17.26 25.86 45.60
C THR A 339 -18.67 25.98 45.02
N VAL A 340 -19.10 27.19 44.69
CA VAL A 340 -20.45 27.37 44.18
C VAL A 340 -20.29 27.74 42.70
N LEU A 341 -20.95 26.99 41.83
CA LEU A 341 -20.76 27.24 40.43
C LEU A 341 -21.88 28.17 39.91
N GLY A 342 -21.53 29.24 39.21
CA GLY A 342 -22.50 30.13 38.57
C GLY A 342 -23.37 30.98 39.51
N GLY A 343 -23.00 30.96 40.78
CA GLY A 343 -23.77 31.56 41.86
C GLY A 343 -24.98 30.72 42.29
N GLU A 344 -25.02 29.47 41.85
CA GLU A 344 -26.25 28.68 41.92
C GLU A 344 -26.10 27.23 42.26
N TYR A 345 -24.97 26.64 41.86
CA TYR A 345 -24.75 25.21 42.01
C TYR A 345 -23.60 24.99 42.98
N PRO A 346 -23.93 24.65 44.26
CA PRO A 346 -22.89 24.32 45.21
C PRO A 346 -22.27 23.01 44.82
N LEU A 347 -20.93 22.99 44.80
CA LEU A 347 -20.14 21.78 44.57
C LEU A 347 -19.31 21.44 45.80
N GLU A 348 -19.05 20.14 45.97
CA GLU A 348 -18.23 19.59 47.05
C GLU A 348 -16.91 19.28 46.45
N LYS A 349 -15.88 19.33 47.29
CA LYS A 349 -14.57 18.90 46.92
C LYS A 349 -14.65 17.54 46.26
N GLY A 350 -13.96 17.40 45.12
CA GLY A 350 -13.97 16.16 44.36
C GLY A 350 -15.12 16.01 43.35
N ASP A 351 -16.18 16.85 43.42
CA ASP A 351 -17.28 16.73 42.43
C ASP A 351 -16.76 16.90 41.00
N GLU A 352 -17.26 16.06 40.11
CA GLU A 352 -16.82 16.10 38.74
C GLU A 352 -17.76 16.88 37.84
N LEU A 353 -17.17 17.50 36.80
CA LEU A 353 -17.85 18.26 35.73
C LEU A 353 -17.38 17.75 34.40
N MET A 354 -18.25 17.80 33.41
CA MET A 354 -17.86 17.40 32.04
C MET A 354 -18.13 18.61 31.14
N VAL A 355 -17.13 19.07 30.38
CA VAL A 355 -17.35 20.13 29.43
C VAL A 355 -17.70 19.47 28.12
N LEU A 356 -18.89 19.78 27.63
CA LEU A 356 -19.40 19.29 26.41
C LEU A 356 -19.11 20.30 25.31
N ILE A 357 -17.98 20.06 24.63
CA ILE A 357 -17.36 21.11 23.82
C ILE A 357 -18.28 21.42 22.59
N PRO A 358 -18.88 20.37 21.97
CA PRO A 358 -19.77 20.75 20.84
C PRO A 358 -20.94 21.69 21.23
N GLN A 359 -21.43 21.57 22.46
CA GLN A 359 -22.45 22.49 22.93
C GLN A 359 -21.96 23.85 23.32
N LEU A 360 -20.82 23.92 24.03
CA LEU A 360 -20.13 25.19 24.20
C LEU A 360 -20.07 25.97 22.91
N HIS A 361 -19.69 25.29 21.84
CA HIS A 361 -19.41 25.97 20.55
C HIS A 361 -20.72 26.31 19.78
N ARG A 362 -21.88 25.94 20.38
CA ARG A 362 -23.19 26.31 19.80
C ARG A 362 -23.90 27.25 20.76
N ASP A 363 -23.16 27.87 21.66
CA ASP A 363 -23.78 28.81 22.60
C ASP A 363 -24.14 30.11 21.89
N LYS A 364 -25.46 30.25 21.67
CA LYS A 364 -26.03 31.30 20.86
C LYS A 364 -25.75 32.66 21.45
N THR A 365 -25.62 32.75 22.77
CA THR A 365 -25.27 34.03 23.38
C THR A 365 -23.86 34.51 23.00
N ILE A 366 -22.99 33.59 22.59
CA ILE A 366 -21.61 33.89 22.19
C ILE A 366 -21.51 34.08 20.68
N TRP A 367 -22.04 33.12 19.96
CA TRP A 367 -21.75 33.01 18.53
C TRP A 367 -22.85 33.58 17.63
N GLY A 368 -23.97 33.93 18.23
CA GLY A 368 -25.12 34.30 17.43
C GLY A 368 -26.05 33.13 17.14
N ASP A 369 -27.10 33.37 16.36
CA ASP A 369 -28.19 32.36 16.25
C ASP A 369 -27.89 31.25 15.22
N ASP A 370 -26.99 31.58 14.29
CA ASP A 370 -26.63 30.74 13.14
C ASP A 370 -25.65 29.66 13.48
N VAL A 371 -25.76 29.00 14.67
CA VAL A 371 -24.57 28.27 15.15
C VAL A 371 -24.34 27.03 14.30
N GLU A 372 -25.35 26.56 13.52
CA GLU A 372 -25.14 25.32 12.78
C GLU A 372 -24.51 25.60 11.42
N GLU A 373 -24.37 26.86 11.07
CA GLU A 373 -23.83 27.20 9.81
C GLU A 373 -22.30 27.21 9.84
N PHE A 374 -21.72 26.85 8.71
CA PHE A 374 -20.24 26.83 8.55
C PHE A 374 -19.73 28.17 7.99
N ARG A 375 -19.09 28.97 8.82
CA ARG A 375 -18.67 30.32 8.42
C ARG A 375 -17.27 30.53 9.00
N PRO A 376 -16.26 30.19 8.21
CA PRO A 376 -14.89 30.39 8.56
C PRO A 376 -14.65 31.85 9.04
N GLU A 377 -15.43 32.82 8.55
CA GLU A 377 -15.14 34.24 8.79
C GLU A 377 -15.35 34.60 10.28
N ARG A 378 -16.09 33.75 11.03
CA ARG A 378 -16.17 33.86 12.51
C ARG A 378 -14.77 33.99 13.13
N PHE A 379 -13.76 33.46 12.46
CA PHE A 379 -12.44 33.41 13.06
C PHE A 379 -11.44 34.36 12.42
N GLU A 380 -11.98 35.33 11.70
CA GLU A 380 -11.18 36.25 10.87
C GLU A 380 -10.23 37.07 11.72
N ASN A 381 -10.72 37.48 12.89
CA ASN A 381 -9.90 38.09 13.92
C ASN A 381 -9.92 37.29 15.24
N PRO A 382 -8.86 36.50 15.50
CA PRO A 382 -8.47 35.97 16.80
C PRO A 382 -9.00 36.71 18.04
N SER A 383 -8.93 38.04 18.06
CA SER A 383 -9.21 38.82 19.27
C SER A 383 -10.69 39.00 19.61
N ALA A 384 -11.59 38.85 18.64
CA ALA A 384 -13.01 39.02 18.87
C ALA A 384 -13.72 37.87 19.60
N ILE A 385 -13.05 36.74 19.71
CA ILE A 385 -13.63 35.61 20.42
C ILE A 385 -13.34 35.73 21.92
N PRO A 386 -14.42 35.75 22.74
CA PRO A 386 -14.39 35.92 24.21
C PRO A 386 -13.62 34.79 24.84
N GLN A 387 -12.91 35.08 25.94
CA GLN A 387 -12.18 34.05 26.65
C GLN A 387 -13.10 32.85 27.02
N HIS A 388 -12.60 31.64 26.77
CA HIS A 388 -13.22 30.33 27.18
C HIS A 388 -14.46 29.93 26.33
N ALA A 389 -14.60 30.59 25.22
CA ALA A 389 -15.76 30.33 24.39
C ALA A 389 -15.42 29.29 23.31
N PHE A 390 -14.12 29.05 23.10
CA PHE A 390 -13.71 28.11 21.96
C PHE A 390 -12.60 27.28 22.57
N LYS A 391 -12.92 26.03 22.83
CA LYS A 391 -11.94 25.18 23.54
C LYS A 391 -11.78 23.84 22.90
N PRO A 392 -11.53 23.77 21.59
CA PRO A 392 -11.35 22.42 21.11
C PRO A 392 -10.08 21.75 21.63
N PHE A 393 -9.14 22.52 22.15
CA PHE A 393 -7.92 21.88 22.69
C PHE A 393 -7.87 21.88 24.22
N GLY A 394 -9.04 21.98 24.87
CA GLY A 394 -9.17 21.92 26.31
C GLY A 394 -8.63 23.18 26.96
N ASN A 395 -8.07 23.05 28.17
CA ASN A 395 -7.98 24.20 28.96
C ASN A 395 -6.68 24.28 29.76
N GLY A 396 -6.08 25.46 29.78
CA GLY A 396 -5.03 25.80 30.82
C GLY A 396 -3.78 24.95 30.66
N GLN A 397 -3.10 24.64 31.75
CA GLN A 397 -1.88 23.85 31.65
C GLN A 397 -2.16 22.38 31.24
N ARG A 398 -3.44 21.90 31.34
CA ARG A 398 -3.78 20.57 30.87
C ARG A 398 -4.33 20.65 29.44
N ALA A 399 -4.14 21.79 28.77
CA ALA A 399 -4.59 21.90 27.40
C ALA A 399 -3.74 20.97 26.49
N CYS A 400 -4.19 20.79 25.27
CA CYS A 400 -3.49 19.89 24.30
C CYS A 400 -2.07 20.35 24.02
N ILE A 401 -1.06 19.53 24.38
CA ILE A 401 0.32 19.99 24.10
C ILE A 401 0.59 19.89 22.56
N GLY A 402 -0.28 19.13 21.88
CA GLY A 402 -0.13 18.89 20.43
C GLY A 402 -0.83 19.91 19.56
N GLN A 403 -1.37 20.95 20.15
CA GLN A 403 -2.20 21.85 19.30
C GLN A 403 -1.45 22.52 18.14
N GLN A 404 -0.22 23.04 18.36
CA GLN A 404 0.47 23.72 17.22
C GLN A 404 0.85 22.64 16.15
N PHE A 405 1.28 21.48 16.64
CA PHE A 405 1.54 20.34 15.73
C PHE A 405 0.28 19.96 14.89
N ALA A 406 -0.88 19.66 15.53
CA ALA A 406 -2.16 19.31 14.82
C ALA A 406 -2.47 20.37 13.79
N LEU A 407 -2.45 21.63 14.19
CA LEU A 407 -2.87 22.69 13.21
C LEU A 407 -1.83 22.93 12.11
N HIS A 408 -0.56 22.72 12.42
CA HIS A 408 0.45 22.85 11.33
C HIS A 408 0.26 21.75 10.33
N GLU A 409 0.12 20.54 10.87
CA GLU A 409 -0.16 19.35 10.07
C GLU A 409 -1.43 19.59 9.24
N ALA A 410 -2.51 20.00 9.91
CA ALA A 410 -3.82 20.13 9.17
C ALA A 410 -3.78 21.22 8.11
N THR A 411 -3.10 22.33 8.43
CA THR A 411 -3.07 23.49 7.48
C THR A 411 -2.21 23.10 6.27
N LEU A 412 -1.10 22.46 6.56
CA LEU A 412 -0.21 22.02 5.44
C LEU A 412 -0.95 21.09 4.43
N VAL A 413 -1.56 20.04 4.94
CA VAL A 413 -2.18 18.99 4.15
C VAL A 413 -3.41 19.55 3.54
N LEU A 414 -4.23 20.28 4.31
CA LEU A 414 -5.44 20.86 3.62
C LEU A 414 -5.02 21.83 2.52
N GLY A 415 -4.02 22.65 2.82
CA GLY A 415 -3.43 23.53 1.80
C GLY A 415 -2.97 22.79 0.54
N MET A 416 -2.19 21.72 0.70
CA MET A 416 -1.75 20.96 -0.49
C MET A 416 -2.93 20.28 -1.17
N MET A 417 -3.84 19.70 -0.39
CA MET A 417 -4.99 19.08 -1.08
C MET A 417 -5.77 20.07 -1.98
N LEU A 418 -6.01 21.29 -1.50
CA LEU A 418 -6.72 22.29 -2.28
C LEU A 418 -5.88 22.87 -3.45
N LYS A 419 -4.56 22.82 -3.27
CA LYS A 419 -3.65 23.28 -4.34
C LYS A 419 -3.75 22.31 -5.51
N HIS A 420 -3.77 21.02 -5.16
CA HIS A 420 -3.56 19.97 -6.18
C HIS A 420 -4.79 19.39 -6.89
N PHE A 421 -5.99 19.46 -6.26
CA PHE A 421 -7.20 18.80 -6.76
C PHE A 421 -8.43 19.68 -6.66
N ASP A 422 -9.37 19.51 -7.60
CA ASP A 422 -10.76 19.80 -7.39
C ASP A 422 -11.44 18.59 -6.77
N PHE A 423 -12.35 18.85 -5.86
CA PHE A 423 -13.11 17.76 -5.16
C PHE A 423 -14.53 17.65 -5.57
N GLU A 424 -15.09 16.44 -5.54
CA GLU A 424 -16.50 16.29 -5.92
C GLU A 424 -17.14 15.37 -4.93
N ASP A 425 -18.22 15.85 -4.34
CA ASP A 425 -19.06 15.08 -3.39
C ASP A 425 -19.98 14.19 -4.26
N HIS A 426 -19.40 13.16 -4.84
CA HIS A 426 -20.04 12.43 -5.88
C HIS A 426 -21.24 11.60 -5.39
N THR A 427 -21.29 11.29 -4.11
CA THR A 427 -22.35 10.41 -3.56
C THR A 427 -23.38 11.25 -2.80
N ASN A 428 -23.17 12.56 -2.84
CA ASN A 428 -23.96 13.49 -1.98
C ASN A 428 -23.99 12.98 -0.52
N TYR A 429 -22.79 12.84 0.00
CA TYR A 429 -22.62 12.09 1.23
C TYR A 429 -23.49 12.68 2.37
N GLU A 430 -24.21 11.81 3.08
CA GLU A 430 -24.92 12.22 4.30
C GLU A 430 -24.04 12.04 5.51
N LEU A 431 -23.84 13.15 6.23
CA LEU A 431 -22.96 13.13 7.43
C LEU A 431 -23.39 12.09 8.44
N ASP A 432 -22.43 11.29 8.86
CA ASP A 432 -22.73 10.22 9.81
C ASP A 432 -21.53 10.21 10.73
N ILE A 433 -21.74 10.67 11.94
CA ILE A 433 -20.58 10.89 12.78
C ILE A 433 -20.35 9.68 13.65
N LYS A 434 -19.23 8.97 13.40
CA LYS A 434 -18.85 7.82 14.18
C LYS A 434 -18.08 8.30 15.36
N GLU A 435 -18.35 7.66 16.46
CA GLU A 435 -17.66 7.96 17.69
C GLU A 435 -16.80 6.81 18.19
N THR A 436 -15.53 7.12 18.30
CA THR A 436 -14.58 6.22 19.00
C THR A 436 -14.14 6.95 20.27
N LEU A 437 -12.85 6.95 20.62
CA LEU A 437 -12.37 8.02 21.48
C LEU A 437 -12.60 9.43 20.84
N THR A 438 -12.71 9.51 19.53
CA THR A 438 -12.85 10.80 18.89
C THR A 438 -14.05 10.81 17.93
N LEU A 439 -14.25 11.94 17.29
CA LEU A 439 -15.23 12.04 16.26
C LEU A 439 -14.66 12.00 14.87
N LYS A 440 -15.38 11.30 13.96
CA LYS A 440 -15.11 11.38 12.49
C LYS A 440 -16.38 11.21 11.61
N PRO A 441 -16.29 11.67 10.38
CA PRO A 441 -17.42 11.44 9.46
C PRO A 441 -17.29 10.07 8.73
N GLU A 442 -17.93 9.04 9.25
CA GLU A 442 -17.78 7.66 8.79
C GLU A 442 -18.24 7.53 7.37
N GLY A 443 -17.49 6.89 6.48
CA GLY A 443 -18.05 6.72 5.10
C GLY A 443 -17.90 7.89 4.14
N PHE A 444 -17.31 8.99 4.63
CA PHE A 444 -17.12 10.19 3.83
C PHE A 444 -16.16 9.88 2.70
N VAL A 445 -16.66 10.05 1.49
CA VAL A 445 -15.95 9.67 0.23
C VAL A 445 -16.06 10.81 -0.75
N VAL A 446 -15.00 11.10 -1.51
CA VAL A 446 -15.04 12.10 -2.57
C VAL A 446 -14.30 11.63 -3.79
N LYS A 447 -14.53 12.29 -4.92
CA LYS A 447 -13.68 12.07 -6.05
C LYS A 447 -12.81 13.30 -6.19
N ALA A 448 -11.55 13.10 -6.57
CA ALA A 448 -10.65 14.23 -6.75
C ALA A 448 -10.28 14.31 -8.26
N LYS A 449 -10.21 15.48 -8.81
CA LYS A 449 -9.76 15.60 -10.18
C LYS A 449 -8.50 16.46 -10.09
N SER A 450 -7.37 15.88 -10.49
CA SER A 450 -6.07 16.53 -10.43
C SER A 450 -6.01 17.86 -11.23
N LYS A 451 -5.46 18.90 -10.59
CA LYS A 451 -5.16 20.12 -11.32
C LYS A 451 -3.88 19.97 -12.13
N LYS A 452 -3.26 18.79 -12.06
CA LYS A 452 -2.03 18.47 -12.81
C LYS A 452 -0.84 19.42 -12.52
N ILE A 453 -0.63 19.75 -11.24
CA ILE A 453 0.39 20.68 -10.83
C ILE A 453 1.54 19.88 -10.21
N PRO A 454 2.76 19.99 -10.78
CA PRO A 454 3.90 19.20 -10.30
C PRO A 454 4.20 19.34 -8.83
N LEU A 455 4.62 18.24 -8.20
CA LEU A 455 5.25 18.30 -6.87
C LEU A 455 6.72 18.56 -7.08
N LYS B 3 16.31 -45.58 -34.76
CA LYS B 3 16.51 -45.57 -33.27
C LYS B 3 15.19 -45.42 -32.50
N GLU B 4 15.05 -46.20 -31.43
CA GLU B 4 13.88 -46.15 -30.55
C GLU B 4 14.15 -45.15 -29.40
N MET B 5 13.10 -44.49 -28.95
CA MET B 5 13.20 -43.47 -27.96
C MET B 5 13.12 -43.92 -26.52
N PRO B 6 14.03 -43.45 -25.63
CA PRO B 6 13.75 -43.80 -24.24
C PRO B 6 12.46 -43.17 -23.74
N GLN B 7 11.92 -43.76 -22.67
CA GLN B 7 10.67 -43.31 -22.05
C GLN B 7 10.78 -43.58 -20.54
N PRO B 8 10.33 -42.61 -19.68
CA PRO B 8 10.46 -42.75 -18.22
C PRO B 8 9.38 -43.73 -17.72
N LYS B 9 9.39 -43.99 -16.44
CA LYS B 9 8.60 -45.10 -15.87
C LYS B 9 7.10 -44.85 -16.12
N THR B 10 6.31 -45.91 -16.14
CA THR B 10 4.93 -45.80 -16.52
C THR B 10 4.04 -46.31 -15.38
N PHE B 11 2.77 -45.93 -15.42
CA PHE B 11 1.86 -46.30 -14.34
C PHE B 11 0.65 -46.99 -14.98
N GLY B 12 0.89 -48.18 -15.55
CA GLY B 12 -0.14 -48.92 -16.28
C GLY B 12 -0.90 -48.07 -17.29
N GLU B 13 -2.22 -47.98 -17.14
CA GLU B 13 -3.07 -47.30 -18.15
C GLU B 13 -2.96 -45.78 -18.05
N LEU B 14 -2.31 -45.27 -17.00
CA LEU B 14 -2.06 -43.84 -16.97
C LEU B 14 -0.82 -43.46 -17.71
N LYS B 15 -0.02 -44.44 -18.12
CA LYS B 15 1.19 -44.23 -18.92
C LYS B 15 2.14 -43.36 -18.13
N ASN B 16 2.74 -42.33 -18.70
CA ASN B 16 3.57 -41.41 -17.91
C ASN B 16 2.82 -40.27 -17.12
N LEU B 17 1.53 -40.10 -17.36
CA LEU B 17 0.80 -39.01 -16.74
C LEU B 17 1.09 -38.70 -15.22
N PRO B 18 1.10 -39.73 -14.30
CA PRO B 18 1.40 -39.41 -12.89
C PRO B 18 2.73 -38.70 -12.63
N LEU B 19 3.64 -38.77 -13.59
CA LEU B 19 4.91 -38.05 -13.40
C LEU B 19 4.73 -36.55 -13.26
N LEU B 20 3.68 -36.00 -13.88
CA LEU B 20 3.51 -34.55 -13.84
C LEU B 20 2.51 -34.18 -12.74
N ASN B 21 1.99 -35.18 -12.02
CA ASN B 21 1.19 -34.98 -10.84
C ASN B 21 2.04 -34.67 -9.61
N THR B 22 2.71 -33.52 -9.71
CA THR B 22 3.69 -33.05 -8.74
C THR B 22 3.66 -31.52 -8.80
N ASP B 23 4.02 -30.90 -7.69
CA ASP B 23 4.04 -29.48 -7.54
C ASP B 23 5.14 -28.84 -8.34
N LYS B 24 6.14 -29.64 -8.72
CA LYS B 24 7.32 -29.18 -9.47
C LYS B 24 7.55 -29.99 -10.77
N PRO B 25 6.61 -29.92 -11.73
CA PRO B 25 6.77 -30.84 -12.91
C PRO B 25 8.01 -30.57 -13.80
N VAL B 26 8.38 -29.31 -13.98
CA VAL B 26 9.50 -29.00 -14.89
C VAL B 26 10.77 -29.49 -14.28
N GLN B 27 10.92 -29.34 -12.97
CA GLN B 27 12.09 -29.88 -12.36
C GLN B 27 12.15 -31.41 -12.36
N ALA B 28 11.01 -32.07 -12.20
CA ALA B 28 10.89 -33.54 -12.44
C ALA B 28 11.28 -33.89 -13.90
N LEU B 29 10.77 -33.14 -14.88
CA LEU B 29 11.16 -33.40 -16.25
C LEU B 29 12.67 -33.19 -16.49
N MET B 30 13.26 -32.19 -15.81
CA MET B 30 14.71 -31.97 -15.88
C MET B 30 15.48 -33.20 -15.39
N LYS B 31 14.99 -33.76 -14.30
CA LYS B 31 15.65 -34.91 -13.71
C LYS B 31 15.58 -36.07 -14.70
N ILE B 32 14.41 -36.24 -15.36
CA ILE B 32 14.27 -37.37 -16.30
C ILE B 32 15.24 -37.17 -17.50
N ALA B 33 15.31 -35.93 -18.02
CA ALA B 33 16.28 -35.65 -19.08
C ALA B 33 17.69 -35.97 -18.62
N ASP B 34 18.06 -35.71 -17.38
CA ASP B 34 19.41 -36.03 -16.93
C ASP B 34 19.68 -37.54 -16.99
N GLU B 35 18.62 -38.32 -16.72
CA GLU B 35 18.68 -39.78 -16.79
C GLU B 35 18.55 -40.35 -18.20
N LEU B 36 17.68 -39.78 -19.01
CA LEU B 36 17.38 -40.38 -20.32
C LEU B 36 18.09 -39.75 -21.51
N GLY B 37 18.53 -38.52 -21.33
CA GLY B 37 19.26 -37.85 -22.38
C GLY B 37 18.44 -36.86 -23.21
N GLU B 38 18.90 -36.68 -24.43
CA GLU B 38 18.46 -35.56 -25.28
C GLU B 38 17.04 -35.63 -25.76
N ILE B 39 16.44 -36.83 -25.72
CA ILE B 39 15.04 -36.92 -26.16
C ILE B 39 14.35 -38.05 -25.44
N PHE B 40 13.14 -37.83 -25.00
CA PHE B 40 12.37 -38.96 -24.48
C PHE B 40 10.91 -38.82 -24.80
N LYS B 41 10.24 -39.96 -24.88
CA LYS B 41 8.82 -40.01 -25.23
C LYS B 41 8.03 -39.85 -23.95
N PHE B 42 6.91 -39.16 -24.02
CA PHE B 42 6.11 -38.98 -22.82
C PHE B 42 4.68 -39.21 -23.25
N GLU B 43 4.07 -40.27 -22.73
CA GLU B 43 2.70 -40.61 -23.10
C GLU B 43 1.75 -40.40 -21.93
N ALA B 44 0.56 -39.96 -22.27
CA ALA B 44 -0.59 -39.86 -21.39
C ALA B 44 -1.76 -40.50 -22.14
N PRO B 45 -2.85 -40.88 -21.42
CA PRO B 45 -4.00 -41.43 -22.15
C PRO B 45 -4.44 -40.49 -23.27
N GLY B 46 -4.41 -40.99 -24.52
CA GLY B 46 -4.87 -40.21 -25.68
C GLY B 46 -3.88 -39.15 -26.13
N ARG B 47 -2.65 -39.18 -25.61
CA ARG B 47 -1.64 -38.23 -26.10
C ARG B 47 -0.18 -38.65 -25.95
N VAL B 48 0.63 -38.11 -26.83
CA VAL B 48 2.05 -38.32 -26.79
C VAL B 48 2.82 -37.05 -27.15
N THR B 49 3.95 -36.85 -26.49
CA THR B 49 4.87 -35.76 -26.89
C THR B 49 6.27 -36.25 -26.65
N ARG B 50 7.28 -35.47 -27.07
CA ARG B 50 8.63 -35.92 -27.03
C ARG B 50 9.38 -34.72 -26.55
N TYR B 51 10.07 -34.93 -25.44
CA TYR B 51 10.88 -33.91 -24.80
C TYR B 51 12.30 -33.81 -25.30
N LEU B 52 12.65 -32.61 -25.78
CA LEU B 52 13.97 -32.32 -26.31
C LEU B 52 14.82 -31.45 -25.41
N SER B 53 16.08 -31.83 -25.29
CA SER B 53 17.01 -31.25 -24.29
C SER B 53 18.38 -30.80 -24.91
N SER B 54 18.74 -31.29 -26.14
CA SER B 54 20.01 -30.96 -26.74
C SER B 54 19.87 -29.90 -27.76
N GLN B 55 20.91 -29.09 -27.91
CA GLN B 55 20.94 -28.09 -28.96
C GLN B 55 20.85 -28.79 -30.35
N ARG B 56 21.50 -29.96 -30.48
CA ARG B 56 21.51 -30.73 -31.72
C ARG B 56 20.09 -30.97 -32.22
N LEU B 57 19.18 -31.39 -31.34
CA LEU B 57 17.80 -31.66 -31.76
C LEU B 57 16.93 -30.42 -31.80
N ILE B 58 17.17 -29.53 -30.84
CA ILE B 58 16.34 -28.30 -30.74
C ILE B 58 16.56 -27.39 -31.95
N LYS B 59 17.79 -27.33 -32.45
CA LYS B 59 18.00 -26.51 -33.67
C LYS B 59 17.12 -26.97 -34.85
N GLU B 60 16.86 -28.27 -34.93
CA GLU B 60 15.92 -28.81 -35.94
C GLU B 60 14.45 -28.49 -35.60
N ALA B 61 14.07 -28.68 -34.33
CA ALA B 61 12.75 -28.28 -33.83
C ALA B 61 12.42 -26.81 -34.10
N CYS B 62 13.46 -25.94 -34.06
CA CYS B 62 13.37 -24.52 -34.37
C CYS B 62 13.27 -24.15 -35.84
N ASP B 63 13.29 -25.16 -36.70
CA ASP B 63 13.12 -24.93 -38.11
C ASP B 63 11.64 -24.70 -38.51
N GLU B 64 11.30 -23.46 -38.85
CA GLU B 64 9.87 -23.17 -38.88
C GLU B 64 9.26 -23.73 -40.17
N SER B 65 10.11 -24.23 -41.05
CA SER B 65 9.60 -24.82 -42.29
C SER B 65 9.13 -26.23 -41.93
N ARG B 66 9.57 -26.73 -40.75
CA ARG B 66 9.20 -28.08 -40.38
C ARG B 66 8.26 -28.17 -39.17
N PHE B 67 8.40 -27.20 -38.26
CA PHE B 67 7.62 -27.23 -37.01
C PHE B 67 7.00 -25.92 -36.79
N ASP B 68 5.75 -25.94 -36.28
CA ASP B 68 5.01 -24.69 -35.91
C ASP B 68 4.61 -24.74 -34.42
N LYS B 69 4.25 -23.60 -33.81
CA LYS B 69 3.83 -23.57 -32.38
C LYS B 69 2.55 -24.47 -32.17
N ASN B 70 2.68 -25.33 -31.16
CA ASN B 70 1.58 -26.14 -30.63
C ASN B 70 0.99 -25.44 -29.38
N LEU B 71 -0.33 -25.39 -29.22
CA LEU B 71 -0.91 -24.94 -27.97
C LEU B 71 -1.08 -26.16 -27.09
N SER B 72 -0.20 -26.29 -26.09
CA SER B 72 -0.31 -27.40 -25.13
C SER B 72 -1.47 -27.15 -24.15
N GLN B 73 -1.78 -28.14 -23.28
CA GLN B 73 -2.93 -28.00 -22.36
C GLN B 73 -3.10 -26.67 -21.55
N ALA B 74 -2.02 -26.21 -20.92
CA ALA B 74 -2.11 -25.03 -20.05
C ALA B 74 -2.54 -23.76 -20.88
N PRO B 75 -1.82 -23.45 -21.99
CA PRO B 75 -2.26 -22.35 -22.89
C PRO B 75 -3.68 -22.50 -23.35
N LYS B 76 -4.04 -23.75 -23.64
CA LYS B 76 -5.44 -24.06 -24.01
C LYS B 76 -6.47 -23.61 -22.95
N PHE B 77 -6.16 -23.87 -21.68
CA PHE B 77 -7.00 -23.41 -20.56
C PHE B 77 -6.98 -21.90 -20.32
N VAL B 78 -5.78 -21.33 -20.47
CA VAL B 78 -5.56 -19.89 -20.45
C VAL B 78 -6.30 -19.15 -21.58
N ARG B 79 -6.40 -19.75 -22.77
CA ARG B 79 -7.28 -19.22 -23.83
C ARG B 79 -8.71 -18.95 -23.38
N ASP B 80 -9.17 -19.65 -22.34
CA ASP B 80 -10.51 -19.37 -21.85
C ASP B 80 -10.67 -17.93 -21.40
N PHE B 81 -9.57 -17.32 -20.98
CA PHE B 81 -9.60 -15.87 -20.73
C PHE B 81 -8.69 -14.99 -21.64
N ALA B 82 -7.69 -15.57 -22.30
CA ALA B 82 -6.84 -14.72 -23.15
C ALA B 82 -7.27 -14.76 -24.64
N GLY B 83 -8.26 -15.63 -24.91
CA GLY B 83 -8.93 -15.75 -26.20
C GLY B 83 -7.96 -15.90 -27.33
N ASP B 84 -8.22 -15.19 -28.41
CA ASP B 84 -7.24 -15.25 -29.48
C ASP B 84 -6.21 -14.11 -29.45
N GLY B 85 -5.72 -13.71 -28.25
CA GLY B 85 -4.58 -12.77 -28.22
C GLY B 85 -3.37 -13.56 -28.77
N LEU B 86 -2.22 -12.91 -28.92
CA LEU B 86 -1.03 -13.46 -29.53
C LEU B 86 -0.56 -14.75 -28.90
N PHE B 87 -0.65 -14.86 -27.59
CA PHE B 87 -0.04 -16.02 -26.95
C PHE B 87 -0.85 -17.31 -27.03
N THR B 88 -2.17 -17.20 -27.15
CA THR B 88 -3.03 -18.41 -27.07
C THR B 88 -3.70 -18.66 -28.43
N SER B 89 -3.21 -17.97 -29.45
CA SER B 89 -3.70 -18.25 -30.82
C SER B 89 -2.74 -19.16 -31.64
N TRP B 90 -3.35 -19.88 -32.55
CA TRP B 90 -2.63 -20.70 -33.53
C TRP B 90 -2.07 -19.80 -34.66
N THR B 91 -0.88 -20.14 -35.17
CA THR B 91 -0.20 -19.36 -36.26
C THR B 91 -1.17 -19.16 -37.43
N HIS B 92 -2.05 -20.13 -37.62
CA HIS B 92 -2.98 -20.09 -38.78
C HIS B 92 -4.28 -19.32 -38.57
N GLU B 93 -4.49 -18.78 -37.38
CA GLU B 93 -5.70 -18.00 -37.15
C GLU B 93 -5.40 -16.59 -37.65
N LYS B 94 -6.39 -16.05 -38.36
CA LYS B 94 -6.23 -14.70 -38.98
C LYS B 94 -5.85 -13.64 -37.93
N ASN B 95 -6.39 -13.73 -36.70
CA ASN B 95 -6.12 -12.71 -35.70
C ASN B 95 -4.69 -12.82 -35.18
N TRP B 96 -4.05 -14.00 -35.36
CA TRP B 96 -2.61 -14.11 -34.93
C TRP B 96 -1.77 -13.21 -35.83
N LYS B 97 -1.84 -13.43 -37.17
CA LYS B 97 -0.92 -12.72 -38.03
C LYS B 97 -1.26 -11.20 -38.09
N LYS B 98 -2.55 -10.87 -37.96
CA LYS B 98 -2.94 -9.48 -37.91
C LYS B 98 -2.32 -8.79 -36.72
N ALA B 99 -2.52 -9.40 -35.56
CA ALA B 99 -1.99 -8.79 -34.36
C ALA B 99 -0.48 -8.72 -34.34
N HIS B 100 0.19 -9.77 -34.85
CA HIS B 100 1.65 -9.86 -34.90
C HIS B 100 2.14 -8.67 -35.75
N ASN B 101 1.55 -8.47 -36.93
CA ASN B 101 2.07 -7.40 -37.77
C ASN B 101 1.79 -6.01 -37.18
N ILE B 102 0.63 -5.87 -36.55
CA ILE B 102 0.32 -4.62 -35.96
C ILE B 102 1.21 -4.28 -34.72
N LEU B 103 1.49 -5.28 -33.93
CA LEU B 103 2.08 -5.03 -32.62
C LEU B 103 3.61 -5.06 -32.62
N LEU B 104 4.18 -5.77 -33.59
CA LEU B 104 5.60 -5.98 -33.67
C LEU B 104 6.38 -4.63 -33.63
N PRO B 105 5.89 -3.60 -34.34
CA PRO B 105 6.63 -2.35 -34.17
C PRO B 105 6.35 -1.59 -32.90
N SER B 106 5.32 -1.97 -32.14
CA SER B 106 5.19 -1.27 -30.89
C SER B 106 6.00 -2.04 -29.82
N PHE B 107 6.60 -3.16 -30.20
CA PHE B 107 7.44 -3.93 -29.20
C PHE B 107 8.92 -3.98 -29.51
N SER B 108 9.35 -3.18 -30.49
CA SER B 108 10.71 -3.22 -30.85
C SER B 108 11.56 -2.53 -29.78
N GLN B 109 12.85 -2.79 -29.88
CA GLN B 109 13.83 -2.10 -29.04
C GLN B 109 13.61 -0.56 -29.17
N GLN B 110 13.33 -0.03 -30.35
CA GLN B 110 13.14 1.43 -30.43
C GLN B 110 11.87 1.94 -29.78
N ALA B 111 10.85 1.06 -29.73
CA ALA B 111 9.60 1.45 -29.17
C ALA B 111 9.76 1.61 -27.63
N MET B 112 10.74 0.93 -27.09
CA MET B 112 10.97 1.09 -25.63
C MET B 112 11.24 2.52 -25.22
N LYS B 113 11.77 3.39 -26.09
CA LYS B 113 11.91 4.82 -25.70
C LYS B 113 10.56 5.44 -25.24
N GLY B 114 9.50 5.08 -25.95
CA GLY B 114 8.12 5.53 -25.63
C GLY B 114 7.54 5.05 -24.32
N TYR B 115 7.96 3.87 -23.83
CA TYR B 115 7.47 3.29 -22.55
C TYR B 115 8.39 3.61 -21.37
N HIS B 116 9.59 4.08 -21.68
CA HIS B 116 10.64 4.25 -20.65
C HIS B 116 10.17 5.03 -19.47
N ALA B 117 9.48 6.16 -19.74
CA ALA B 117 9.07 7.07 -18.64
C ALA B 117 8.03 6.37 -17.71
N MET B 118 7.11 5.61 -18.28
CA MET B 118 6.19 4.83 -17.44
CA MET B 118 6.17 4.79 -17.49
C MET B 118 6.86 3.71 -16.67
N MET B 119 7.82 3.02 -17.28
CA MET B 119 8.61 2.09 -16.48
C MET B 119 9.34 2.75 -15.32
N VAL B 120 10.01 3.89 -15.54
CA VAL B 120 10.70 4.62 -14.47
C VAL B 120 9.76 5.02 -13.32
N ASP B 121 8.55 5.45 -13.70
CA ASP B 121 7.50 5.71 -12.72
C ASP B 121 7.27 4.59 -11.71
N ILE B 122 7.11 3.36 -12.20
CA ILE B 122 6.82 2.28 -11.25
C ILE B 122 8.15 1.87 -10.57
N ALA B 123 9.26 1.91 -11.33
CA ALA B 123 10.57 1.66 -10.68
C ALA B 123 10.88 2.63 -9.54
N VAL B 124 10.55 3.92 -9.71
CA VAL B 124 10.73 4.90 -8.60
C VAL B 124 9.89 4.55 -7.39
N GLN B 125 8.63 4.16 -7.63
CA GLN B 125 7.78 3.56 -6.57
C GLN B 125 8.43 2.42 -5.85
N LEU B 126 8.93 1.40 -6.56
CA LEU B 126 9.71 0.34 -5.89
C LEU B 126 10.87 0.86 -5.02
N VAL B 127 11.74 1.72 -5.57
CA VAL B 127 12.93 2.20 -4.85
C VAL B 127 12.52 2.98 -3.58
N GLN B 128 11.50 3.83 -3.73
CA GLN B 128 11.01 4.58 -2.59
C GLN B 128 10.44 3.66 -1.53
N LYS B 129 9.74 2.59 -1.93
CA LYS B 129 9.24 1.61 -0.93
C LYS B 129 10.36 1.06 -0.07
N TRP B 130 11.43 0.64 -0.72
CA TRP B 130 12.56 0.09 0.03
C TRP B 130 13.42 1.11 0.82
N GLU B 131 13.58 2.34 0.28
CA GLU B 131 14.09 3.49 1.07
C GLU B 131 13.34 3.71 2.38
N ARG B 132 12.07 3.34 2.36
CA ARG B 132 11.15 3.67 3.46
C ARG B 132 11.01 2.54 4.49
N LEU B 133 11.77 1.46 4.26
CA LEU B 133 11.78 0.36 5.22
C LEU B 133 12.53 0.78 6.45
N ASN B 134 12.04 0.33 7.59
CA ASN B 134 12.75 0.52 8.87
C ASN B 134 13.87 -0.51 8.96
N ALA B 135 14.76 -0.32 9.91
CA ALA B 135 15.97 -1.17 10.08
C ALA B 135 15.65 -2.66 10.23
N ASP B 136 14.57 -2.98 10.92
CA ASP B 136 14.33 -4.41 11.27
C ASP B 136 13.45 -5.18 10.24
N GLU B 137 13.27 -4.56 9.07
CA GLU B 137 12.36 -5.07 8.05
C GLU B 137 13.16 -5.71 6.95
N HIS B 138 12.49 -6.60 6.23
CA HIS B 138 13.07 -7.19 5.04
C HIS B 138 12.17 -7.04 3.85
N ILE B 139 12.66 -7.57 2.75
CA ILE B 139 11.97 -7.44 1.47
C ILE B 139 11.55 -8.81 1.01
N GLU B 140 10.32 -8.91 0.53
CA GLU B 140 9.86 -10.17 -0.02
C GLU B 140 10.02 -9.97 -1.52
N VAL B 141 11.04 -10.60 -2.09
CA VAL B 141 11.49 -10.19 -3.41
C VAL B 141 10.52 -10.50 -4.54
N PRO B 142 10.14 -11.80 -4.70
CA PRO B 142 9.20 -12.03 -5.85
C PRO B 142 7.88 -11.32 -5.74
N GLU B 143 7.38 -11.15 -4.49
CA GLU B 143 6.15 -10.40 -4.26
C GLU B 143 6.27 -8.96 -4.73
N ASP B 144 7.37 -8.34 -4.36
CA ASP B 144 7.66 -6.93 -4.77
C ASP B 144 7.95 -6.83 -6.29
N MET B 145 8.65 -7.83 -6.84
CA MET B 145 8.91 -7.78 -8.30
C MET B 145 7.62 -7.94 -9.09
N THR B 146 6.66 -8.75 -8.58
CA THR B 146 5.39 -8.98 -9.26
C THR B 146 4.51 -7.72 -9.16
N ARG B 147 4.63 -6.97 -8.08
CA ARG B 147 3.86 -5.72 -7.88
C ARG B 147 4.35 -4.77 -8.94
N LEU B 148 5.69 -4.79 -9.13
CA LEU B 148 6.35 -3.88 -10.07
C LEU B 148 6.01 -4.24 -11.52
N THR B 149 6.03 -5.53 -11.85
CA THR B 149 5.76 -5.95 -13.24
C THR B 149 4.32 -5.80 -13.68
N LEU B 150 3.42 -6.18 -12.78
CA LEU B 150 1.99 -5.99 -13.08
C LEU B 150 1.72 -4.51 -13.27
N ASP B 151 2.24 -3.68 -12.37
CA ASP B 151 1.97 -2.25 -12.51
C ASP B 151 2.58 -1.67 -13.77
N THR B 152 3.77 -2.11 -14.15
CA THR B 152 4.42 -1.50 -15.30
C THR B 152 3.65 -1.88 -16.61
N ILE B 153 3.25 -3.14 -16.69
CA ILE B 153 2.45 -3.66 -17.85
C ILE B 153 1.15 -2.91 -17.89
N GLY B 154 0.54 -2.74 -16.72
CA GLY B 154 -0.75 -2.02 -16.65
C GLY B 154 -0.61 -0.59 -17.20
N LEU B 155 0.45 0.09 -16.77
CA LEU B 155 0.66 1.51 -17.18
C LEU B 155 1.03 1.60 -18.67
N CYS B 156 2.05 0.83 -19.12
CA CYS B 156 2.42 0.81 -20.58
C CYS B 156 1.42 0.11 -21.51
N GLY B 157 0.65 -0.86 -21.00
CA GLY B 157 -0.31 -1.57 -21.81
C GLY B 157 -1.54 -0.73 -22.03
N PHE B 158 -2.06 -0.10 -20.95
CA PHE B 158 -3.33 0.63 -21.09
C PHE B 158 -3.52 1.86 -20.17
N ASN B 159 -2.39 2.45 -19.77
CA ASN B 159 -2.39 3.65 -18.98
C ASN B 159 -3.31 3.47 -17.77
N TYR B 160 -3.31 2.28 -17.17
CA TYR B 160 -4.14 2.01 -16.02
C TYR B 160 -3.23 1.74 -14.85
N ARG B 161 -3.57 2.34 -13.69
CA ARG B 161 -2.77 2.15 -12.47
C ARG B 161 -3.37 1.12 -11.48
N PHE B 162 -2.73 -0.02 -11.33
CA PHE B 162 -3.25 -1.02 -10.36
C PHE B 162 -2.84 -0.63 -8.97
N ASN B 163 -1.85 0.24 -8.87
CA ASN B 163 -1.47 0.79 -7.59
C ASN B 163 -1.12 -0.30 -6.58
N SER B 164 -0.33 -1.26 -7.08
CA SER B 164 0.00 -2.42 -6.26
C SER B 164 0.84 -2.09 -5.01
N PHE B 165 1.66 -1.02 -5.08
CA PHE B 165 2.49 -0.62 -3.93
C PHE B 165 1.75 0.07 -2.80
N TYR B 166 0.48 0.38 -3.04
CA TYR B 166 -0.51 0.92 -2.10
C TYR B 166 -1.32 -0.15 -1.38
N ARG B 167 -1.02 -1.43 -1.58
CA ARG B 167 -1.95 -2.51 -1.29
C ARG B 167 -1.30 -3.74 -0.75
N ASP B 168 -2.06 -4.42 0.10
CA ASP B 168 -1.82 -5.79 0.51
C ASP B 168 -2.71 -6.71 -0.30
N GLN B 169 -3.98 -6.37 -0.45
CA GLN B 169 -4.80 -7.14 -1.37
C GLN B 169 -4.77 -6.45 -2.74
N PRO B 170 -4.33 -7.17 -3.79
CA PRO B 170 -4.20 -6.66 -5.14
C PRO B 170 -5.51 -6.07 -5.66
N HIS B 171 -5.38 -5.14 -6.61
CA HIS B 171 -6.54 -4.69 -7.41
C HIS B 171 -7.45 -5.88 -7.77
N PRO B 172 -8.80 -5.73 -7.75
CA PRO B 172 -9.67 -6.89 -8.07
C PRO B 172 -9.31 -7.60 -9.39
N PHE B 173 -8.82 -6.84 -10.36
CA PHE B 173 -8.48 -7.39 -11.67
C PHE B 173 -7.31 -8.40 -11.57
N ILE B 174 -6.27 -8.01 -10.82
CA ILE B 174 -5.11 -8.87 -10.54
C ILE B 174 -5.55 -10.11 -9.77
N THR B 175 -6.33 -9.93 -8.71
CA THR B 175 -6.92 -11.06 -7.97
C THR B 175 -7.58 -12.09 -8.92
N SER B 176 -8.44 -11.58 -9.78
CA SER B 176 -9.17 -12.39 -10.77
C SER B 176 -8.26 -12.98 -11.79
N MET B 177 -7.27 -12.20 -12.26
CA MET B 177 -6.39 -12.74 -13.27
C MET B 177 -5.50 -13.84 -12.70
N VAL B 178 -4.93 -13.61 -11.52
CA VAL B 178 -4.06 -14.57 -10.85
C VAL B 178 -4.84 -15.81 -10.49
N ARG B 179 -6.08 -15.64 -10.04
CA ARG B 179 -6.96 -16.77 -9.75
C ARG B 179 -7.40 -17.55 -11.02
N ALA B 180 -7.71 -16.84 -12.10
CA ALA B 180 -7.89 -17.46 -13.44
C ALA B 180 -6.65 -18.24 -13.87
N LEU B 181 -5.45 -17.65 -13.77
CA LEU B 181 -4.24 -18.37 -14.12
C LEU B 181 -4.09 -19.61 -13.25
N ASP B 182 -4.34 -19.48 -11.95
CA ASP B 182 -4.20 -20.66 -11.07
C ASP B 182 -5.23 -21.77 -11.34
N GLU B 183 -6.44 -21.40 -11.72
CA GLU B 183 -7.44 -22.37 -12.11
C GLU B 183 -6.95 -23.09 -13.38
N ALA B 184 -6.35 -22.34 -14.31
CA ALA B 184 -5.86 -23.00 -15.52
C ALA B 184 -4.76 -24.02 -15.23
N MET B 185 -3.77 -23.61 -14.43
CA MET B 185 -2.70 -24.49 -13.98
C MET B 185 -3.25 -25.76 -13.24
N ASN B 186 -4.18 -25.54 -12.30
CA ASN B 186 -4.76 -26.62 -11.47
C ASN B 186 -5.48 -27.69 -12.27
N LYS B 187 -6.08 -27.28 -13.39
CA LYS B 187 -6.80 -28.17 -14.30
C LYS B 187 -5.88 -29.22 -14.93
N LEU B 188 -4.60 -28.88 -15.04
CA LEU B 188 -3.56 -29.82 -15.48
C LEU B 188 -3.53 -31.13 -14.69
N ARG B 189 -3.83 -31.07 -13.40
CA ARG B 189 -3.64 -32.23 -12.50
C ARG B 189 -4.95 -32.75 -11.94
N ARG B 190 -6.06 -32.21 -12.44
CA ARG B 190 -7.43 -32.53 -11.95
C ARG B 190 -7.93 -33.74 -12.72
N ALA B 191 -7.88 -34.89 -12.08
CA ALA B 191 -8.12 -36.18 -12.76
C ALA B 191 -9.61 -36.46 -13.07
N ASN B 192 -10.51 -35.88 -12.29
CA ASN B 192 -11.92 -35.84 -12.67
C ASN B 192 -12.50 -34.44 -12.52
N PRO B 193 -12.47 -33.67 -13.63
CA PRO B 193 -12.78 -32.24 -13.68
C PRO B 193 -14.26 -31.88 -13.50
N ASP B 194 -15.14 -32.88 -13.59
CA ASP B 194 -16.58 -32.63 -13.47
C ASP B 194 -17.19 -33.10 -12.15
N ASP B 195 -16.32 -33.46 -11.21
CA ASP B 195 -16.70 -33.78 -9.84
C ASP B 195 -17.36 -32.53 -9.22
N PRO B 196 -18.51 -32.70 -8.52
CA PRO B 196 -19.23 -31.47 -8.17
C PRO B 196 -18.42 -30.60 -7.19
N ALA B 197 -17.25 -31.09 -6.78
CA ALA B 197 -16.33 -30.36 -5.92
C ALA B 197 -15.64 -29.17 -6.64
N TYR B 198 -15.88 -29.04 -7.94
CA TYR B 198 -15.21 -28.01 -8.75
C TYR B 198 -16.18 -26.97 -9.31
N ASP B 199 -17.47 -27.15 -9.04
CA ASP B 199 -18.51 -26.19 -9.46
C ASP B 199 -18.28 -24.78 -8.91
N GLU B 200 -17.70 -24.72 -7.72
CA GLU B 200 -17.28 -23.47 -7.10
C GLU B 200 -16.05 -22.87 -7.81
N ASN B 201 -15.02 -23.69 -8.02
CA ASN B 201 -13.86 -23.34 -8.84
C ASN B 201 -14.30 -22.87 -10.22
N LYS B 202 -15.38 -23.49 -10.73
CA LYS B 202 -15.92 -23.21 -12.07
C LYS B 202 -16.68 -21.89 -12.10
N ARG B 203 -17.52 -21.66 -11.10
CA ARG B 203 -18.32 -20.43 -11.09
C ARG B 203 -17.41 -19.21 -10.73
N GLN B 204 -16.33 -19.46 -10.00
CA GLN B 204 -15.34 -18.42 -9.67
C GLN B 204 -14.58 -18.00 -10.91
N PHE B 205 -14.28 -19.00 -11.74
CA PHE B 205 -13.53 -18.82 -13.01
C PHE B 205 -14.31 -17.91 -13.96
N GLN B 206 -15.61 -18.15 -14.07
CA GLN B 206 -16.53 -17.33 -14.88
C GLN B 206 -16.71 -15.90 -14.35
N GLU B 207 -16.89 -15.81 -13.02
CA GLU B 207 -16.78 -14.53 -12.33
C GLU B 207 -15.43 -13.83 -12.62
N ASP B 208 -14.29 -14.54 -12.62
CA ASP B 208 -12.97 -13.86 -12.82
C ASP B 208 -12.76 -13.35 -14.24
N ILE B 209 -13.28 -14.13 -15.18
CA ILE B 209 -13.37 -13.76 -16.60
C ILE B 209 -14.15 -12.46 -16.79
N LYS B 210 -15.35 -12.39 -16.24
CA LYS B 210 -16.16 -11.18 -16.33
C LYS B 210 -15.47 -9.99 -15.67
N VAL B 211 -14.80 -10.17 -14.54
CA VAL B 211 -14.12 -9.02 -13.93
C VAL B 211 -13.04 -8.41 -14.90
N MET B 212 -12.22 -9.29 -15.45
CA MET B 212 -11.12 -8.91 -16.40
C MET B 212 -11.72 -8.30 -17.67
N ASN B 213 -12.75 -8.95 -18.20
CA ASN B 213 -13.49 -8.43 -19.33
C ASN B 213 -14.09 -7.05 -19.11
N ASP B 214 -14.81 -6.87 -17.98
CA ASP B 214 -15.53 -5.63 -17.74
C ASP B 214 -14.56 -4.50 -17.61
N LEU B 215 -13.47 -4.70 -16.87
CA LEU B 215 -12.46 -3.64 -16.73
C LEU B 215 -11.83 -3.23 -18.07
N VAL B 216 -11.35 -4.21 -18.83
CA VAL B 216 -10.58 -3.88 -20.04
C VAL B 216 -11.46 -3.21 -21.10
N ASP B 217 -12.62 -3.83 -21.31
CA ASP B 217 -13.69 -3.33 -22.17
C ASP B 217 -14.08 -1.89 -21.80
N LYS B 218 -14.26 -1.62 -20.50
CA LYS B 218 -14.58 -0.26 -20.05
C LYS B 218 -13.44 0.70 -20.42
N ILE B 219 -12.18 0.32 -20.19
CA ILE B 219 -11.08 1.24 -20.50
C ILE B 219 -10.98 1.55 -21.97
N ILE B 220 -11.16 0.52 -22.80
CA ILE B 220 -11.10 0.69 -24.24
C ILE B 220 -12.25 1.62 -24.69
N ALA B 221 -13.48 1.28 -24.29
CA ALA B 221 -14.60 2.18 -24.46
C ALA B 221 -14.28 3.63 -24.06
N ASP B 222 -13.73 3.83 -22.86
CA ASP B 222 -13.49 5.20 -22.36
C ASP B 222 -12.55 5.95 -23.25
N ARG B 223 -11.54 5.24 -23.77
CA ARG B 223 -10.45 5.83 -24.53
C ARG B 223 -10.92 6.20 -25.93
N LYS B 224 -11.75 5.35 -26.52
CA LYS B 224 -12.28 5.65 -27.84
C LYS B 224 -13.23 6.85 -27.74
N ALA B 225 -13.80 7.03 -26.55
CA ALA B 225 -14.78 8.05 -26.24
C ALA B 225 -14.06 9.42 -26.04
N SER B 226 -13.04 9.44 -25.19
CA SER B 226 -12.29 10.67 -25.00
C SER B 226 -11.50 10.96 -26.25
N GLY B 227 -10.95 9.90 -26.85
CA GLY B 227 -10.13 9.99 -28.04
C GLY B 227 -8.74 10.50 -27.71
N GLU B 228 -8.36 10.36 -26.44
CA GLU B 228 -7.07 10.80 -25.89
C GLU B 228 -5.92 9.92 -26.38
N GLN B 229 -4.87 10.51 -26.97
CA GLN B 229 -3.65 9.77 -27.40
C GLN B 229 -2.57 9.67 -26.33
N SER B 230 -2.24 8.46 -25.94
CA SER B 230 -1.24 8.26 -24.88
C SER B 230 -0.05 7.44 -25.43
N ASP B 231 0.94 7.18 -24.59
CA ASP B 231 2.14 6.39 -24.97
C ASP B 231 1.99 4.91 -24.67
N ASP B 232 0.76 4.44 -24.55
CA ASP B 232 0.53 3.04 -24.27
C ASP B 232 0.25 2.16 -25.50
N LEU B 233 0.26 0.87 -25.28
CA LEU B 233 -0.01 -0.12 -26.35
C LEU B 233 -1.44 0.03 -26.77
N LEU B 234 -2.33 0.41 -25.83
CA LEU B 234 -3.73 0.66 -26.23
C LEU B 234 -3.87 1.68 -27.38
N THR B 235 -3.05 2.74 -27.29
CA THR B 235 -3.12 3.79 -28.30
C THR B 235 -2.72 3.25 -29.63
N HIS B 236 -1.61 2.49 -29.66
CA HIS B 236 -1.13 1.87 -30.89
C HIS B 236 -2.14 0.87 -31.48
N MET B 237 -2.85 0.15 -30.60
CA MET B 237 -3.85 -0.82 -31.04
C MET B 237 -5.12 -0.21 -31.60
N LEU B 238 -5.58 0.87 -31.02
CA LEU B 238 -6.70 1.57 -31.67
C LEU B 238 -6.35 2.26 -33.02
N ASN B 239 -5.12 2.77 -33.19
CA ASN B 239 -4.69 3.45 -34.42
C ASN B 239 -4.02 2.57 -35.47
N GLY B 240 -3.71 1.32 -35.13
CA GLY B 240 -2.92 0.49 -35.99
C GLY B 240 -3.73 -0.20 -37.08
N LYS B 241 -3.08 -0.44 -38.21
CA LYS B 241 -3.67 -1.17 -39.31
C LYS B 241 -2.65 -2.22 -39.81
N ASP B 242 -3.11 -3.44 -40.04
CA ASP B 242 -2.27 -4.50 -40.56
C ASP B 242 -1.94 -4.18 -41.98
N PRO B 243 -0.62 -4.05 -42.28
CA PRO B 243 -0.35 -3.76 -43.68
C PRO B 243 -0.81 -4.83 -44.67
N GLU B 244 -0.82 -6.11 -44.28
CA GLU B 244 -1.26 -7.19 -45.18
C GLU B 244 -2.79 -7.17 -45.48
N THR B 245 -3.64 -7.29 -44.43
CA THR B 245 -5.12 -7.22 -44.63
C THR B 245 -5.69 -5.77 -44.82
N GLY B 246 -4.99 -4.76 -44.31
CA GLY B 246 -5.48 -3.37 -44.28
C GLY B 246 -6.45 -3.16 -43.10
N GLU B 247 -6.61 -4.19 -42.28
CA GLU B 247 -7.58 -4.17 -41.20
C GLU B 247 -6.94 -3.80 -39.87
N PRO B 248 -7.72 -3.15 -39.01
CA PRO B 248 -7.28 -2.99 -37.67
C PRO B 248 -7.79 -4.10 -36.78
N LEU B 249 -7.26 -4.18 -35.54
CA LEU B 249 -7.81 -5.16 -34.58
C LEU B 249 -9.17 -4.72 -34.08
N ASP B 250 -10.05 -5.69 -33.83
CA ASP B 250 -11.37 -5.25 -33.41
C ASP B 250 -11.29 -5.13 -31.84
N ASP B 251 -12.28 -4.52 -31.21
CA ASP B 251 -12.20 -4.21 -29.76
C ASP B 251 -12.06 -5.46 -28.90
N GLU B 252 -12.71 -6.51 -29.38
CA GLU B 252 -12.69 -7.78 -28.68
C GLU B 252 -11.28 -8.32 -28.66
N ASN B 253 -10.64 -8.26 -29.84
CA ASN B 253 -9.26 -8.69 -29.89
C ASN B 253 -8.29 -7.80 -29.08
N ILE B 254 -8.48 -6.46 -29.10
CA ILE B 254 -7.64 -5.53 -28.33
C ILE B 254 -7.79 -5.88 -26.85
N ARG B 255 -9.02 -6.13 -26.41
CA ARG B 255 -9.19 -6.62 -25.01
C ARG B 255 -8.37 -7.87 -24.69
N TYR B 256 -8.51 -8.88 -25.55
CA TYR B 256 -7.67 -10.08 -25.37
C TYR B 256 -6.15 -9.79 -25.35
N GLN B 257 -5.72 -8.89 -26.23
CA GLN B 257 -4.26 -8.58 -26.20
C GLN B 257 -3.80 -8.00 -24.86
N ILE B 258 -4.60 -7.08 -24.35
CA ILE B 258 -4.32 -6.46 -23.06
C ILE B 258 -4.27 -7.50 -21.95
N ILE B 259 -5.27 -8.36 -21.89
CA ILE B 259 -5.35 -9.41 -20.89
C ILE B 259 -4.09 -10.29 -21.01
N THR B 260 -3.78 -10.64 -22.25
CA THR B 260 -2.61 -11.44 -22.53
C THR B 260 -1.31 -10.74 -22.05
N PHE B 261 -1.10 -9.48 -22.39
CA PHE B 261 0.19 -8.84 -21.92
C PHE B 261 0.42 -8.98 -20.42
N LEU B 262 -0.64 -8.72 -19.65
CA LEU B 262 -0.57 -8.82 -18.21
C LEU B 262 -0.38 -10.27 -17.75
N ALA B 263 -1.24 -11.16 -18.27
CA ALA B 263 -1.26 -12.55 -17.82
C ALA B 263 0.04 -13.31 -18.26
N ALA B 264 0.47 -13.09 -19.52
CA ALA B 264 1.73 -13.66 -20.07
C ALA B 264 3.02 -12.99 -19.67
N GLY B 265 3.00 -11.67 -19.47
CA GLY B 265 4.23 -10.97 -19.29
C GLY B 265 4.67 -10.84 -17.84
N HIS B 266 3.71 -10.73 -16.90
CA HIS B 266 4.09 -10.20 -15.62
C HIS B 266 4.94 -11.17 -14.83
N GLU B 267 4.54 -12.44 -14.81
CA GLU B 267 5.09 -13.42 -13.88
C GLU B 267 6.46 -13.82 -14.35
N ALA B 268 6.60 -14.13 -15.65
CA ALA B 268 7.90 -14.46 -16.20
C ALA B 268 8.99 -13.34 -15.95
N THR B 269 8.61 -12.11 -16.09
CA THR B 269 9.57 -10.96 -15.89
C THR B 269 9.86 -10.76 -14.40
N SER B 270 8.82 -10.89 -13.60
CA SER B 270 9.09 -10.76 -12.10
C SER B 270 9.99 -11.92 -11.62
N GLY B 271 9.76 -13.10 -12.17
CA GLY B 271 10.63 -14.27 -11.90
C GLY B 271 12.10 -13.97 -12.28
N LEU B 272 12.30 -13.40 -13.45
CA LEU B 272 13.68 -13.14 -13.90
C LEU B 272 14.38 -12.17 -12.93
N LEU B 273 13.71 -11.07 -12.60
CA LEU B 273 14.22 -10.19 -11.53
C LEU B 273 14.53 -10.81 -10.21
N SER B 274 13.68 -11.75 -9.74
CA SER B 274 13.90 -12.41 -8.51
C SER B 274 15.07 -13.37 -8.61
N PHE B 275 15.15 -14.14 -9.71
CA PHE B 275 16.37 -15.01 -9.86
C PHE B 275 17.69 -14.19 -10.03
N ALA B 276 17.63 -13.14 -10.81
CA ALA B 276 18.83 -12.31 -11.02
C ALA B 276 19.32 -11.80 -9.66
N LEU B 277 18.41 -11.24 -8.85
CA LEU B 277 18.81 -10.85 -7.48
C LEU B 277 19.34 -11.99 -6.66
N TYR B 278 18.67 -13.13 -6.74
CA TYR B 278 19.13 -14.29 -5.99
C TYR B 278 20.61 -14.62 -6.37
N PHE B 279 20.89 -14.77 -7.67
CA PHE B 279 22.25 -15.11 -8.04
C PHE B 279 23.27 -14.05 -7.61
N LEU B 280 22.89 -12.78 -7.68
CA LEU B 280 23.82 -11.74 -7.28
C LEU B 280 24.09 -11.78 -5.79
N VAL B 281 23.05 -11.94 -4.94
CA VAL B 281 23.34 -12.04 -3.46
C VAL B 281 24.16 -13.29 -3.10
N LYS B 282 23.97 -14.35 -3.86
CA LYS B 282 24.77 -15.56 -3.68
C LYS B 282 26.18 -15.46 -4.31
N ASN B 283 26.42 -14.40 -5.07
CA ASN B 283 27.69 -14.27 -5.82
C ASN B 283 28.31 -12.86 -5.65
N PRO B 284 28.85 -12.58 -4.48
CA PRO B 284 29.12 -11.18 -4.09
C PRO B 284 30.06 -10.42 -5.00
N HIS B 285 30.97 -11.15 -5.65
CA HIS B 285 31.93 -10.60 -6.63
C HIS B 285 31.22 -10.13 -7.89
N GLU B 286 30.19 -10.87 -8.28
CA GLU B 286 29.35 -10.46 -9.46
C GLU B 286 28.42 -9.32 -9.09
N LEU B 287 27.81 -9.41 -7.91
CA LEU B 287 27.01 -8.28 -7.37
C LEU B 287 27.87 -7.00 -7.38
N GLN B 288 29.11 -7.06 -6.83
CA GLN B 288 29.99 -5.91 -6.91
C GLN B 288 30.23 -5.35 -8.29
N LYS B 289 30.48 -6.22 -9.26
CA LYS B 289 30.79 -5.76 -10.61
C LYS B 289 29.56 -5.07 -11.20
N ALA B 290 28.40 -5.66 -10.93
CA ALA B 290 27.14 -5.09 -11.47
C ALA B 290 26.86 -3.75 -10.76
N ALA B 291 27.09 -3.67 -9.44
CA ALA B 291 26.82 -2.44 -8.72
C ALA B 291 27.78 -1.35 -9.20
N GLU B 292 29.00 -1.74 -9.51
CA GLU B 292 30.01 -0.76 -10.00
C GLU B 292 29.55 -0.25 -11.35
N GLU B 293 28.92 -1.11 -12.12
CA GLU B 293 28.43 -0.66 -13.42
C GLU B 293 27.25 0.28 -13.26
N ALA B 294 26.22 -0.10 -12.49
CA ALA B 294 25.16 0.88 -12.14
C ALA B 294 25.63 2.24 -11.64
N ALA B 295 26.59 2.23 -10.75
CA ALA B 295 27.09 3.49 -10.23
C ALA B 295 27.74 4.39 -11.25
N ARG B 296 28.49 3.79 -12.13
CA ARG B 296 29.23 4.51 -13.17
C ARG B 296 28.28 5.03 -14.26
N VAL B 297 27.25 4.26 -14.54
CA VAL B 297 26.36 4.55 -15.68
C VAL B 297 25.21 5.48 -15.33
N LEU B 298 24.62 5.22 -14.17
CA LEU B 298 23.35 5.84 -13.77
C LEU B 298 23.72 7.05 -12.96
N VAL B 299 24.26 8.06 -13.67
CA VAL B 299 24.82 9.27 -13.03
C VAL B 299 23.77 10.37 -12.74
N ASP B 300 22.50 10.14 -13.05
CA ASP B 300 21.44 11.15 -12.94
C ASP B 300 20.37 10.65 -12.00
N PRO B 301 19.55 11.57 -11.43
CA PRO B 301 18.58 11.12 -10.42
C PRO B 301 17.57 10.06 -10.86
N VAL B 302 17.10 10.14 -12.08
CA VAL B 302 16.35 9.02 -12.63
C VAL B 302 17.08 8.57 -13.91
N PRO B 303 16.99 7.28 -14.24
CA PRO B 303 17.71 6.75 -15.41
C PRO B 303 17.05 7.13 -16.71
N SER B 304 17.87 7.41 -17.73
CA SER B 304 17.37 7.71 -19.06
C SER B 304 17.30 6.41 -19.88
N TYR B 305 16.59 6.42 -21.02
CA TYR B 305 16.67 5.24 -21.89
C TYR B 305 18.11 4.89 -22.31
N LYS B 306 18.86 5.90 -22.75
CA LYS B 306 20.19 5.66 -23.23
C LYS B 306 21.06 5.06 -22.13
N GLN B 307 20.87 5.50 -20.89
CA GLN B 307 21.70 4.98 -19.82
C GLN B 307 21.41 3.48 -19.61
N VAL B 308 20.13 3.08 -19.74
CA VAL B 308 19.76 1.65 -19.49
C VAL B 308 20.47 0.81 -20.54
N LYS B 309 20.48 1.31 -21.80
CA LYS B 309 21.25 0.62 -22.90
C LYS B 309 22.75 0.36 -22.59
N GLN B 310 23.35 1.20 -21.75
CA GLN B 310 24.81 1.05 -21.38
C GLN B 310 25.08 0.14 -20.19
N LEU B 311 24.02 -0.48 -19.68
CA LEU B 311 24.20 -1.35 -18.53
C LEU B 311 24.49 -2.77 -19.01
N LYS B 312 25.66 -2.88 -19.66
CA LYS B 312 26.08 -4.11 -20.31
C LYS B 312 26.13 -5.29 -19.36
N TYR B 313 26.80 -5.08 -18.22
CA TYR B 313 26.99 -6.18 -17.32
C TYR B 313 25.68 -6.55 -16.66
N VAL B 314 24.85 -5.56 -16.32
CA VAL B 314 23.52 -5.93 -15.80
C VAL B 314 22.77 -6.78 -16.82
N GLY B 315 22.89 -6.44 -18.10
CA GLY B 315 22.32 -7.28 -19.17
C GLY B 315 22.83 -8.72 -19.18
N MET B 316 24.11 -8.85 -18.93
CA MET B 316 24.76 -10.18 -18.88
C MET B 316 24.28 -10.97 -17.70
N VAL B 317 24.14 -10.31 -16.53
CA VAL B 317 23.55 -10.95 -15.39
C VAL B 317 22.17 -11.52 -15.73
N LEU B 318 21.32 -10.72 -16.38
CA LEU B 318 19.94 -11.09 -16.64
C LEU B 318 19.92 -12.27 -17.56
N ASN B 319 20.78 -12.25 -18.58
CA ASN B 319 20.90 -13.43 -19.48
C ASN B 319 21.34 -14.67 -18.86
N GLU B 320 22.26 -14.54 -17.95
CA GLU B 320 22.74 -15.73 -17.18
C GLU B 320 21.69 -16.26 -16.23
N ALA B 321 20.84 -15.38 -15.65
CA ALA B 321 19.75 -15.88 -14.84
C ALA B 321 18.78 -16.65 -15.70
N LEU B 322 18.50 -16.13 -16.91
CA LEU B 322 17.61 -16.77 -17.83
C LEU B 322 18.22 -18.06 -18.37
N ARG B 323 19.54 -18.11 -18.44
CA ARG B 323 20.17 -19.37 -18.86
C ARG B 323 19.89 -20.42 -17.80
N LEU B 324 20.15 -20.13 -16.50
CA LEU B 324 19.90 -21.14 -15.51
C LEU B 324 18.47 -21.47 -15.25
N TRP B 325 17.58 -20.45 -15.18
CA TRP B 325 16.18 -20.68 -14.80
C TRP B 325 15.31 -19.86 -15.69
N PRO B 326 15.18 -20.28 -16.93
CA PRO B 326 14.34 -19.51 -17.85
C PRO B 326 12.90 -19.62 -17.35
N THR B 327 12.32 -18.46 -17.04
CA THR B 327 11.13 -18.45 -16.22
C THR B 327 9.89 -18.92 -17.02
N ALA B 328 9.98 -19.04 -18.33
CA ALA B 328 8.89 -19.61 -19.09
C ALA B 328 9.50 -20.88 -19.67
N PRO B 329 9.55 -21.99 -18.91
CA PRO B 329 10.62 -22.97 -19.16
C PRO B 329 10.41 -23.96 -20.31
N ALA B 330 9.27 -23.93 -20.99
CA ALA B 330 9.06 -24.93 -22.04
C ALA B 330 8.14 -24.39 -23.13
N PHE B 331 8.31 -24.85 -24.39
CA PHE B 331 7.31 -24.52 -25.39
C PHE B 331 7.10 -25.75 -26.30
N SER B 332 5.96 -25.78 -26.94
CA SER B 332 5.53 -26.98 -27.66
C SER B 332 5.39 -26.69 -29.16
N LEU B 333 5.78 -27.66 -29.98
CA LEU B 333 5.66 -27.57 -31.42
C LEU B 333 4.91 -28.78 -31.93
N TYR B 334 4.51 -28.73 -33.21
CA TYR B 334 4.00 -29.89 -33.94
C TYR B 334 4.65 -29.89 -35.33
N ALA B 335 4.81 -31.12 -35.87
CA ALA B 335 5.37 -31.29 -37.18
C ALA B 335 4.40 -30.92 -38.27
N LYS B 336 4.80 -30.00 -39.16
CA LYS B 336 3.91 -29.55 -40.23
C LYS B 336 3.70 -30.66 -41.24
N GLU B 337 4.70 -31.51 -41.41
CA GLU B 337 4.71 -32.63 -42.36
C GLU B 337 5.44 -33.79 -41.68
N ASP B 338 5.33 -34.98 -42.28
CA ASP B 338 6.16 -36.07 -41.84
C ASP B 338 7.60 -35.62 -42.10
N THR B 339 8.50 -36.00 -41.21
CA THR B 339 9.87 -35.52 -41.24
C THR B 339 10.62 -36.39 -40.27
N VAL B 340 11.93 -36.46 -40.42
CA VAL B 340 12.75 -37.26 -39.50
C VAL B 340 13.63 -36.35 -38.69
N LEU B 341 13.58 -36.52 -37.37
CA LEU B 341 14.38 -35.73 -36.44
C LEU B 341 15.77 -36.32 -36.14
N GLY B 342 16.82 -35.55 -36.38
CA GLY B 342 18.17 -35.90 -35.94
C GLY B 342 18.71 -37.10 -36.68
N GLY B 343 18.11 -37.34 -37.84
CA GLY B 343 18.45 -38.46 -38.72
C GLY B 343 17.99 -39.79 -38.15
N GLU B 344 17.30 -39.78 -37.02
CA GLU B 344 17.04 -41.00 -36.26
C GLU B 344 15.62 -41.27 -35.86
N TYR B 345 14.81 -40.21 -35.74
CA TYR B 345 13.46 -40.37 -35.19
C TYR B 345 12.36 -39.87 -36.14
N PRO B 346 11.65 -40.81 -36.79
CA PRO B 346 10.63 -40.43 -37.76
C PRO B 346 9.48 -39.85 -36.99
N LEU B 347 8.94 -38.74 -37.49
CA LEU B 347 7.76 -38.15 -36.95
C LEU B 347 6.68 -38.05 -38.06
N GLU B 348 5.41 -38.17 -37.67
CA GLU B 348 4.24 -37.96 -38.53
C GLU B 348 3.70 -36.53 -38.36
N LYS B 349 3.19 -35.95 -39.44
CA LYS B 349 2.58 -34.66 -39.41
C LYS B 349 1.68 -34.64 -38.18
N GLY B 350 1.70 -33.55 -37.45
CA GLY B 350 0.90 -33.45 -36.23
C GLY B 350 1.62 -33.88 -34.93
N ASP B 351 2.68 -34.68 -35.05
CA ASP B 351 3.47 -35.13 -33.84
C ASP B 351 4.00 -33.99 -33.07
N GLU B 352 3.91 -34.12 -31.75
CA GLU B 352 4.20 -33.00 -30.89
C GLU B 352 5.54 -33.15 -30.23
N LEU B 353 6.22 -32.03 -30.10
CA LEU B 353 7.54 -31.92 -29.37
C LEU B 353 7.52 -30.90 -28.28
N MET B 354 8.31 -31.09 -27.22
CA MET B 354 8.42 -30.03 -26.20
C MET B 354 9.88 -29.72 -26.07
N VAL B 355 10.22 -28.44 -26.02
CA VAL B 355 11.59 -28.00 -25.88
C VAL B 355 11.63 -27.71 -24.42
N LEU B 356 12.52 -28.41 -23.74
CA LEU B 356 12.68 -28.20 -22.30
C LEU B 356 13.85 -27.20 -22.12
N ILE B 357 13.56 -25.92 -21.93
CA ILE B 357 14.60 -24.84 -22.06
C ILE B 357 15.71 -24.93 -20.93
N PRO B 358 15.35 -25.19 -19.64
CA PRO B 358 16.44 -25.33 -18.61
C PRO B 358 17.48 -26.40 -18.99
N GLN B 359 17.05 -27.45 -19.67
CA GLN B 359 17.98 -28.54 -20.07
C GLN B 359 18.77 -28.16 -21.32
N LEU B 360 18.08 -27.56 -22.34
CA LEU B 360 18.80 -26.92 -23.45
C LEU B 360 20.00 -26.03 -22.96
N HIS B 361 19.75 -25.18 -21.95
CA HIS B 361 20.71 -24.21 -21.45
C HIS B 361 21.79 -24.83 -20.52
N ARG B 362 21.67 -26.14 -20.31
CA ARG B 362 22.68 -26.99 -19.63
C ARG B 362 23.38 -28.03 -20.57
N ASP B 363 23.21 -27.87 -21.89
CA ASP B 363 23.93 -28.67 -22.87
C ASP B 363 25.43 -28.35 -22.82
N LYS B 364 26.21 -29.35 -22.35
CA LYS B 364 27.60 -29.10 -22.08
C LYS B 364 28.40 -28.97 -23.37
N THR B 365 27.88 -29.52 -24.48
CA THR B 365 28.51 -29.38 -25.79
C THR B 365 28.53 -27.92 -26.25
N ILE B 366 27.61 -27.14 -25.72
CA ILE B 366 27.51 -25.73 -26.09
C ILE B 366 28.20 -24.85 -25.04
N TRP B 367 27.92 -25.13 -23.77
CA TRP B 367 28.32 -24.20 -22.72
C TRP B 367 29.59 -24.57 -21.95
N GLY B 368 30.06 -25.80 -22.11
CA GLY B 368 31.21 -26.23 -21.32
C GLY B 368 30.69 -27.03 -20.14
N ASP B 369 31.59 -27.54 -19.30
CA ASP B 369 31.19 -28.42 -18.21
C ASP B 369 30.60 -27.70 -16.99
N ASP B 370 30.96 -26.43 -16.82
CA ASP B 370 30.53 -25.60 -15.68
C ASP B 370 29.05 -25.11 -15.83
N VAL B 371 28.14 -25.97 -16.35
CA VAL B 371 26.78 -25.46 -16.72
C VAL B 371 25.99 -24.96 -15.53
N GLU B 372 26.25 -25.52 -14.35
CA GLU B 372 25.47 -25.09 -13.18
C GLU B 372 25.93 -23.79 -12.56
N GLU B 373 27.08 -23.27 -12.99
CA GLU B 373 27.71 -22.17 -12.33
C GLU B 373 27.09 -20.90 -12.87
N PHE B 374 26.82 -19.95 -12.00
CA PHE B 374 26.37 -18.63 -12.45
C PHE B 374 27.60 -17.78 -12.88
N ARG B 375 27.72 -17.51 -14.17
CA ARG B 375 28.89 -16.78 -14.65
C ARG B 375 28.38 -15.87 -15.74
N PRO B 376 28.03 -14.62 -15.40
CA PRO B 376 27.47 -13.67 -16.39
C PRO B 376 28.40 -13.46 -17.58
N GLU B 377 29.71 -13.65 -17.37
CA GLU B 377 30.76 -13.39 -18.41
C GLU B 377 30.60 -14.31 -19.63
N ARG B 378 29.77 -15.39 -19.51
CA ARG B 378 29.39 -16.19 -20.64
C ARG B 378 28.74 -15.38 -21.72
N PHE B 379 28.08 -14.30 -21.36
CA PHE B 379 27.39 -13.45 -22.28
C PHE B 379 28.15 -12.18 -22.68
N GLU B 380 29.44 -12.14 -22.40
CA GLU B 380 30.29 -10.98 -22.80
C GLU B 380 30.15 -10.68 -24.30
N ASN B 381 30.17 -11.72 -25.12
CA ASN B 381 29.79 -11.59 -26.58
C ASN B 381 28.76 -12.64 -27.00
N PRO B 382 27.49 -12.26 -26.96
CA PRO B 382 26.44 -13.26 -27.22
C PRO B 382 26.51 -13.82 -28.61
N SER B 383 27.18 -13.16 -29.55
CA SER B 383 27.24 -13.71 -30.89
C SER B 383 28.07 -15.00 -30.98
N ALA B 384 28.85 -15.34 -29.94
CA ALA B 384 29.59 -16.54 -29.96
C ALA B 384 28.64 -17.73 -29.77
N ILE B 385 27.43 -17.48 -29.33
CA ILE B 385 26.50 -18.56 -29.01
C ILE B 385 25.86 -19.05 -30.27
N PRO B 386 25.92 -20.39 -30.51
CA PRO B 386 25.31 -20.89 -31.71
C PRO B 386 23.80 -20.67 -31.78
N GLN B 387 23.28 -20.79 -32.99
CA GLN B 387 21.87 -20.58 -33.22
C GLN B 387 21.12 -21.62 -32.38
N HIS B 388 19.95 -21.20 -31.88
CA HIS B 388 19.04 -22.11 -31.12
C HIS B 388 19.66 -22.72 -29.87
N ALA B 389 20.63 -22.03 -29.30
CA ALA B 389 21.33 -22.58 -28.10
C ALA B 389 20.82 -21.93 -26.80
N PHE B 390 20.30 -20.72 -26.94
CA PHE B 390 19.87 -19.92 -25.79
C PHE B 390 18.46 -19.42 -26.16
N LYS B 391 17.40 -19.98 -25.58
CA LYS B 391 16.05 -19.75 -26.15
C LYS B 391 15.03 -19.40 -25.07
N PRO B 392 15.37 -18.49 -24.12
CA PRO B 392 14.41 -18.32 -23.02
C PRO B 392 13.18 -17.51 -23.54
N PHE B 393 13.24 -17.02 -24.77
CA PHE B 393 12.05 -16.24 -25.30
C PHE B 393 11.39 -16.99 -26.46
N GLY B 394 11.66 -18.30 -26.56
CA GLY B 394 11.00 -19.22 -27.54
C GLY B 394 11.66 -19.04 -28.91
N ASN B 395 10.94 -19.31 -29.98
CA ASN B 395 11.55 -19.38 -31.22
C ASN B 395 10.76 -18.69 -32.33
N GLY B 396 11.46 -17.92 -33.18
CA GLY B 396 10.95 -17.61 -34.52
C GLY B 396 9.83 -16.60 -34.49
N GLN B 397 8.91 -16.66 -35.45
CA GLN B 397 7.79 -15.74 -35.50
C GLN B 397 6.89 -15.86 -34.28
N ARG B 398 6.93 -17.03 -33.63
CA ARG B 398 6.16 -17.23 -32.37
C ARG B 398 7.03 -16.99 -31.11
N ALA B 399 8.14 -16.24 -31.25
CA ALA B 399 8.95 -15.98 -30.06
C ALA B 399 8.25 -14.90 -29.24
N CYS B 400 8.76 -14.63 -28.01
CA CYS B 400 8.14 -13.64 -27.13
C CYS B 400 8.13 -12.27 -27.79
N ILE B 401 6.93 -11.71 -28.02
CA ILE B 401 6.88 -10.38 -28.60
C ILE B 401 7.42 -9.37 -27.53
N GLY B 402 7.45 -9.81 -26.28
CA GLY B 402 7.67 -8.87 -25.17
C GLY B 402 9.15 -8.90 -24.71
N GLN B 403 10.02 -9.54 -25.48
CA GLN B 403 11.41 -9.76 -25.04
C GLN B 403 12.12 -8.43 -24.80
N GLN B 404 11.98 -7.43 -25.69
CA GLN B 404 12.80 -6.21 -25.53
C GLN B 404 12.14 -5.44 -24.35
N PHE B 405 10.81 -5.55 -24.26
CA PHE B 405 10.09 -4.97 -23.09
C PHE B 405 10.57 -5.54 -21.70
N ALA B 406 10.56 -6.87 -21.60
CA ALA B 406 11.01 -7.57 -20.41
C ALA B 406 12.45 -7.19 -20.08
N LEU B 407 13.33 -7.15 -21.08
CA LEU B 407 14.74 -6.90 -20.80
C LEU B 407 15.01 -5.45 -20.51
N HIS B 408 14.23 -4.53 -21.07
CA HIS B 408 14.41 -3.13 -20.75
C HIS B 408 13.99 -2.83 -19.29
N GLU B 409 12.83 -3.39 -18.94
CA GLU B 409 12.26 -3.28 -17.64
C GLU B 409 13.21 -3.93 -16.68
N ALA B 410 13.65 -5.16 -16.93
CA ALA B 410 14.55 -5.80 -15.94
C ALA B 410 15.91 -5.11 -15.78
N THR B 411 16.42 -4.53 -16.84
CA THR B 411 17.72 -3.91 -16.81
C THR B 411 17.62 -2.64 -16.06
N LEU B 412 16.55 -1.91 -16.36
CA LEU B 412 16.23 -0.68 -15.63
C LEU B 412 16.10 -0.85 -14.13
N VAL B 413 15.27 -1.80 -13.73
CA VAL B 413 14.92 -1.95 -12.31
C VAL B 413 16.09 -2.54 -11.58
N LEU B 414 16.75 -3.50 -12.19
CA LEU B 414 17.92 -4.09 -11.46
C LEU B 414 19.04 -3.03 -11.30
N GLY B 415 19.26 -2.28 -12.38
CA GLY B 415 20.14 -1.10 -12.44
C GLY B 415 19.91 -0.18 -11.29
N MET B 416 18.66 0.29 -11.17
CA MET B 416 18.28 1.14 -10.03
C MET B 416 18.46 0.47 -8.68
N MET B 417 17.99 -0.77 -8.51
CA MET B 417 18.25 -1.47 -7.26
C MET B 417 19.73 -1.48 -6.89
N LEU B 418 20.67 -1.79 -7.78
CA LEU B 418 22.07 -1.87 -7.41
C LEU B 418 22.68 -0.50 -7.20
N LYS B 419 22.09 0.49 -7.87
CA LYS B 419 22.53 1.90 -7.67
C LYS B 419 22.21 2.33 -6.22
N HIS B 420 21.03 1.93 -5.72
CA HIS B 420 20.44 2.55 -4.50
C HIS B 420 20.66 1.81 -3.17
N PHE B 421 20.98 0.52 -3.23
CA PHE B 421 21.02 -0.26 -2.01
C PHE B 421 22.17 -1.27 -2.10
N ASP B 422 22.71 -1.59 -0.94
CA ASP B 422 23.45 -2.81 -0.77
C ASP B 422 22.47 -3.87 -0.23
N PHE B 423 22.72 -5.12 -0.54
CA PHE B 423 21.79 -6.21 -0.22
C PHE B 423 22.44 -7.23 0.68
N GLU B 424 21.63 -7.80 1.60
CA GLU B 424 22.10 -8.90 2.44
C GLU B 424 21.10 -10.06 2.35
N ASP B 425 21.68 -11.25 2.10
CA ASP B 425 20.97 -12.50 2.17
C ASP B 425 20.98 -12.92 3.64
N HIS B 426 20.05 -12.37 4.41
CA HIS B 426 20.20 -12.34 5.85
C HIS B 426 19.70 -13.71 6.33
N THR B 427 18.83 -14.38 5.57
CA THR B 427 18.40 -15.71 6.02
C THR B 427 19.23 -16.88 5.43
N ASN B 428 20.28 -16.53 4.69
CA ASN B 428 21.06 -17.50 3.88
C ASN B 428 20.09 -18.42 3.09
N TYR B 429 19.36 -17.77 2.18
CA TYR B 429 18.14 -18.39 1.66
C TYR B 429 18.48 -19.68 0.81
N GLU B 430 17.74 -20.76 1.02
CA GLU B 430 17.88 -21.96 0.26
C GLU B 430 16.94 -21.93 -0.90
N LEU B 431 17.47 -22.03 -2.12
CA LEU B 431 16.61 -21.83 -3.28
C LEU B 431 15.49 -22.89 -3.31
N ASP B 432 14.26 -22.44 -3.55
CA ASP B 432 13.08 -23.30 -3.63
C ASP B 432 12.31 -22.70 -4.79
N ILE B 433 12.31 -23.43 -5.91
CA ILE B 433 11.70 -22.95 -7.15
C ILE B 433 10.26 -23.42 -7.27
N LYS B 434 9.33 -22.45 -7.19
CA LYS B 434 7.97 -22.80 -7.19
C LYS B 434 7.58 -22.74 -8.66
N GLU B 435 6.67 -23.63 -9.07
CA GLU B 435 6.21 -23.62 -10.45
C GLU B 435 4.71 -23.36 -10.51
N THR B 436 4.36 -22.27 -11.18
CA THR B 436 2.95 -21.97 -11.46
C THR B 436 2.96 -22.26 -12.94
N LEU B 437 2.51 -21.36 -13.77
CA LEU B 437 2.79 -21.53 -15.17
C LEU B 437 4.22 -21.00 -15.49
N THR B 438 4.89 -20.40 -14.49
CA THR B 438 6.26 -19.92 -14.59
C THR B 438 7.08 -20.43 -13.39
N LEU B 439 8.35 -20.04 -13.37
CA LEU B 439 9.30 -20.36 -12.32
C LEU B 439 9.59 -19.15 -11.50
N LYS B 440 9.73 -19.31 -10.18
CA LYS B 440 10.25 -18.22 -9.36
C LYS B 440 10.83 -18.79 -8.04
N PRO B 441 11.74 -18.04 -7.41
CA PRO B 441 12.30 -18.40 -6.08
C PRO B 441 11.37 -18.16 -4.89
N GLU B 442 10.63 -19.19 -4.46
CA GLU B 442 9.58 -18.99 -3.51
C GLU B 442 10.21 -18.64 -2.14
N GLY B 443 9.66 -17.65 -1.44
CA GLY B 443 10.22 -17.23 -0.13
C GLY B 443 11.54 -16.42 -0.09
N PHE B 444 12.05 -16.02 -1.26
CA PHE B 444 13.32 -15.30 -1.41
C PHE B 444 13.12 -13.97 -0.75
N VAL B 445 13.88 -13.73 0.30
CA VAL B 445 13.84 -12.48 1.06
C VAL B 445 15.27 -11.95 1.26
N VAL B 446 15.43 -10.62 1.35
CA VAL B 446 16.70 -9.91 1.51
C VAL B 446 16.45 -8.72 2.40
N LYS B 447 17.54 -8.11 2.89
CA LYS B 447 17.49 -6.79 3.49
C LYS B 447 18.31 -5.90 2.58
N ALA B 448 17.90 -4.65 2.51
CA ALA B 448 18.54 -3.69 1.68
C ALA B 448 19.02 -2.64 2.61
N LYS B 449 20.19 -2.07 2.35
CA LYS B 449 20.64 -0.95 3.15
C LYS B 449 20.85 0.15 2.18
N SER B 450 20.13 1.24 2.37
CA SER B 450 20.18 2.31 1.41
C SER B 450 21.59 2.94 1.33
N LYS B 451 22.02 3.22 0.10
CA LYS B 451 23.23 4.00 -0.16
C LYS B 451 23.00 5.53 0.05
N LYS B 452 21.74 5.94 0.27
CA LYS B 452 21.34 7.33 0.56
C LYS B 452 21.58 8.27 -0.59
N ILE B 453 21.27 7.77 -1.79
CA ILE B 453 21.50 8.48 -3.03
C ILE B 453 20.15 8.97 -3.54
N PRO B 454 19.98 10.29 -3.70
CA PRO B 454 18.64 10.82 -4.00
C PRO B 454 18.07 10.43 -5.38
N LEU B 455 16.74 10.41 -5.50
CA LEU B 455 16.07 10.18 -6.80
C LEU B 455 15.64 11.51 -7.44
CHA HEM C . -4.68 16.90 25.52
CHB HEM C . -7.67 17.81 21.70
CHC HEM C . -4.16 16.68 18.54
CHD HEM C . -1.28 15.26 22.29
C1A HEM C . -5.80 17.25 24.73
C2A HEM C . -7.04 17.68 25.24
C3A HEM C . -7.86 18.00 24.22
C4A HEM C . -7.15 17.67 22.98
CMA HEM C . -9.31 18.49 24.28
CAA HEM C . -7.34 17.85 26.74
CBA HEM C . -7.85 16.48 27.22
CGA HEM C . -8.31 16.58 28.68
O1A HEM C . -8.58 15.50 29.30
O2A HEM C . -8.56 17.67 29.18
C1B HEM C . -6.95 17.54 20.56
C2B HEM C . -7.41 17.78 19.23
C3B HEM C . -6.46 17.50 18.38
C4B HEM C . -5.34 17.02 19.15
CMB HEM C . -8.82 18.30 18.86
CAB HEM C . -6.47 17.54 16.80
CBB HEM C . -7.17 18.47 16.09
C1C HEM C . -3.03 16.24 19.26
C2C HEM C . -1.78 15.79 18.78
C3C HEM C . -1.02 15.46 19.82
C4C HEM C . -1.78 15.58 21.02
CMC HEM C . -1.34 15.85 17.31
CAC HEM C . 0.47 14.93 19.90
CBC HEM C . 1.24 14.68 18.85
C1D HEM C . -1.99 15.56 23.46
C2D HEM C . -1.48 15.32 24.75
C3D HEM C . -2.44 15.90 25.74
C4D HEM C . -3.52 16.41 24.95
CMD HEM C . -0.17 14.62 25.12
CAD HEM C . -2.31 15.86 27.24
CBD HEM C . -1.57 17.17 27.60
CGD HEM C . -1.31 17.32 29.09
O1D HEM C . -2.27 17.17 29.88
O2D HEM C . -0.13 17.67 29.44
NA HEM C . -5.87 17.24 23.34
NB HEM C . -5.67 17.10 20.50
NC HEM C . -3.03 16.07 20.65
ND HEM C . -3.22 16.24 23.61
FE HEM C . -4.44 16.74 22.01
OH SRO D . -10.55 15.22 26.25
CZ3 SRO D . -10.56 14.32 25.21
CH2 SRO D . -11.77 13.70 24.74
CZ2 SRO D . -11.76 12.78 23.66
CE2 SRO D . -10.52 12.45 23.10
NE1 SRO D . -10.14 11.64 22.10
CD1 SRO D . -8.76 11.68 21.92
CG SRO D . -8.12 12.54 22.81
CD2 SRO D . -9.24 13.08 23.61
CE3 SRO D . -9.31 14.00 24.67
CB SRO D . -6.59 12.81 22.87
CA SRO D . -6.38 14.28 22.53
NZ SRO D . -5.16 15.01 22.31
MG MG E . -22.94 29.19 3.80
CHA HEM F . 5.65 -15.57 -25.92
CHB HEM F . 9.06 -16.10 -22.54
CHC HEM F . 7.96 -11.61 -20.94
CHD HEM F . 4.29 -11.21 -24.11
C1A HEM F . 6.64 -16.07 -25.19
C2A HEM F . 7.29 -17.38 -25.41
C3A HEM F . 8.18 -17.56 -24.45
C4A HEM F . 8.20 -16.34 -23.62
CMA HEM F . 9.17 -18.74 -24.18
CAA HEM F . 6.88 -18.36 -26.52
CBA HEM F . 5.76 -19.20 -26.01
CGA HEM F . 5.42 -20.39 -26.90
O1A HEM F . 6.22 -20.83 -27.79
O2A HEM F . 4.34 -21.01 -26.63
C1B HEM F . 8.97 -14.89 -21.85
C2B HEM F . 9.83 -14.56 -20.79
C3B HEM F . 9.57 -13.36 -20.34
C4B HEM F . 8.47 -12.86 -21.10
CMB HEM F . 10.93 -15.60 -20.34
CAB HEM F . 10.25 -12.58 -19.21
CBB HEM F . 11.56 -12.68 -18.88
C1C HEM F . 6.91 -11.06 -21.65
C2C HEM F . 6.39 -9.75 -21.54
C3C HEM F . 5.36 -9.66 -22.44
C4C HEM F . 5.21 -10.93 -23.10
CMC HEM F . 6.90 -8.67 -20.56
CAC HEM F . 4.35 -8.53 -22.77
CBC HEM F . 4.44 -7.30 -22.28
C1D HEM F . 4.34 -12.39 -24.81
C2D HEM F . 3.41 -12.66 -25.86
C3D HEM F . 3.82 -13.92 -26.53
C4D HEM F . 5.01 -14.34 -25.75
CMD HEM F . 2.26 -11.71 -26.21
CAD HEM F . 3.06 -14.54 -27.76
CBD HEM F . 3.97 -14.16 -28.96
CGD HEM F . 3.33 -14.68 -30.25
O1D HEM F . 2.90 -13.92 -31.15
O2D HEM F . 3.18 -15.92 -30.29
NA HEM F . 7.21 -15.48 -24.05
NB HEM F . 8.08 -13.83 -22.06
NC HEM F . 6.23 -11.75 -22.64
ND HEM F . 5.32 -13.42 -24.74
FE HEM F . 6.77 -13.58 -23.42
OH SRO G . 6.21 -21.36 -23.35
CZ3 SRO G . 5.82 -20.86 -22.11
CH2 SRO G . 5.95 -21.63 -20.93
CZ2 SRO G . 5.58 -21.15 -19.65
CE2 SRO G . 5.04 -19.86 -19.57
NE1 SRO G . 4.59 -19.08 -18.56
CD1 SRO G . 4.19 -17.86 -19.06
CG SRO G . 4.36 -17.69 -20.44
CD2 SRO G . 4.91 -19.03 -20.84
CE3 SRO G . 5.30 -19.57 -22.06
CB SRO G . 3.96 -16.43 -21.24
CA SRO G . 4.72 -16.03 -22.52
NZ SRO G . 5.44 -14.75 -22.62
#